data_4MRM
#
_entry.id   4MRM
#
_cell.length_a   70.070
_cell.length_b   111.940
_cell.length_c   73.470
_cell.angle_alpha   90.000
_cell.angle_beta   97.670
_cell.angle_gamma   90.000
#
_symmetry.space_group_name_H-M   'P 1 21 1'
#
loop_
_entity.id
_entity.type
_entity.pdbx_description
1 polymer 'Gamma-aminobutyric acid type B receptor subunit 1'
2 polymer 'Gamma-aminobutyric acid type B receptor subunit 2'
3 branched beta-D-mannopyranose-(1-3)-alpha-D-mannopyranose-(1-4)-2-acetamido-2-deoxy-beta-D-glucopyranose-(1-4)-2-acetamido-2-deoxy-beta-D-glucopyranose
4 branched 2-acetamido-2-deoxy-beta-D-glucopyranose-(1-4)-2-acetamido-2-deoxy-beta-D-glucopyranose
5 non-polymer phaclofen
6 non-polymer 2-acetamido-2-deoxy-beta-D-glucopyranose
7 water water
#
loop_
_entity_poly.entity_id
_entity_poly.type
_entity_poly.pdbx_seq_one_letter_code
_entity_poly.pdbx_strand_id
1 'polypeptide(L)'
;SERRAVYIGALFPMSGGWPGGQACQPAVEMALEDVNSRRDILPDYELKLIHHDSKCDPGQATKYLYELLYNDPIKIILMP
GCSSVSTLVAEAARMWNLIVLSYGSSSPALSNRQRFPTFFRTHPSATLHNPTRVKLFEKWGWKKIATIQQTTEVFTSTLD
DLEERVKEAGIEITFRQSFFSDPAVPVKNLKRQDARIIVGLFYETEARKVFCEVYKERLFGKKYVWFLIGWYADNWFKIY
DPSINCTVDEMTEAVEGHITTEIVMLNPANTRSISNMTSQEFVEKLTKRLKRHPEETGGFQEAPLAYDAIWALALALNKT
SGGGGRSGVRLEDFNYNNQTITDQIYRAMNSSSFEGVSGHVVFDASGSRMAWTLIEQLQGGSYKKIGYYDSTKDDLSWSK
TDKWIGGSPPADDYKDDDDK
;
A
2 'polypeptide(L)'
;WARGAPRPPPSSPPLSIMGLMPLTKEVAKGSIGRGVLPAVELAIEQIRNESLLRPYFLDLRLYDTECDNAKGLKAFYDAI
KYGPNHLMVFGGVCPSVTSIIAESLQGWNLVQLSFAATTPVLADKKKYPYFFRTVPSDNAVNPAILKLLKHYQWKRVGTL
TQDVQRFSEVRNDLTGVLYGEDIEISDTESFSNDPCTSVKKLKGNDVRIILGQFDQNMAAKVFCCAYEENMYGSKYQWII
PGWYEPSWWEQVHTEANSSRCLRKNLLAAMEGYIGVDFEPLSSKQIKTISGKTPQQYEREYNNKRSGVGPSKFHGYAYDG
IWVIAKTLQRAMETLHASSRHQRIQDFNYTDHTLGRIILNAMNETNFFGVTGQVVFRNGERMGTIKFTQFQDSREVKVGE
YNAVADTLEIINDTIRFQGSEPPKDDYKDDDDK
;
B
#
loop_
_chem_comp.id
_chem_comp.type
_chem_comp.name
_chem_comp.formula
2BY non-polymer phaclofen 'C9 H13 Cl N O3 P'
BMA D-saccharide, beta linking beta-D-mannopyranose 'C6 H12 O6'
MAN D-saccharide, alpha linking alpha-D-mannopyranose 'C6 H12 O6'
NAG D-saccharide, beta linking 2-acetamido-2-deoxy-beta-D-glucopyranose 'C8 H15 N O6'
#
# COMPACT_ATOMS: atom_id res chain seq x y z
N SER A 1 -17.63 23.65 39.58
CA SER A 1 -16.49 23.99 40.43
C SER A 1 -15.25 23.21 40.07
N GLU A 2 -15.41 22.01 39.55
CA GLU A 2 -14.26 21.18 39.21
C GLU A 2 -14.13 20.98 37.70
N ARG A 3 -12.96 21.34 37.17
CA ARG A 3 -12.67 21.19 35.76
C ARG A 3 -12.50 19.72 35.41
N ARG A 4 -13.27 19.27 34.41
CA ARG A 4 -13.25 17.88 33.96
C ARG A 4 -12.14 17.61 32.96
N ALA A 5 -11.36 16.54 33.17
CA ALA A 5 -10.27 16.17 32.28
C ALA A 5 -10.82 15.58 31.00
N VAL A 6 -10.19 15.92 29.88
CA VAL A 6 -10.56 15.44 28.54
C VAL A 6 -9.27 15.07 27.80
N TYR A 7 -9.26 13.88 27.15
CA TYR A 7 -8.05 13.28 26.58
C TYR A 7 -7.86 13.19 25.07
N ILE A 8 -6.59 13.31 24.67
CA ILE A 8 -6.11 13.16 23.31
C ILE A 8 -5.24 11.90 23.32
N GLY A 9 -5.46 11.04 22.33
CA GLY A 9 -4.65 9.87 22.11
C GLY A 9 -3.75 10.21 20.95
N ALA A 10 -2.47 10.53 21.22
CA ALA A 10 -1.55 10.91 20.15
C ALA A 10 -0.51 9.88 19.82
N LEU A 11 0.05 9.97 18.61
CA LEU A 11 1.15 9.15 18.13
C LEU A 11 2.17 10.10 17.54
N PHE A 12 3.44 9.97 17.99
CA PHE A 12 4.54 10.82 17.55
C PHE A 12 5.64 10.00 16.89
N PRO A 13 6.00 10.27 15.63
CA PRO A 13 7.10 9.51 15.05
C PRO A 13 8.44 10.03 15.56
N MET A 14 9.01 9.36 16.59
CA MET A 14 10.31 9.78 17.15
C MET A 14 11.47 9.12 16.42
N SER A 15 11.18 8.13 15.58
CA SER A 15 12.11 7.39 14.75
C SER A 15 11.43 7.24 13.41
N GLY A 16 12.15 6.74 12.40
CA GLY A 16 11.58 6.46 11.08
C GLY A 16 11.87 7.46 9.97
N GLY A 17 11.12 7.27 8.88
CA GLY A 17 11.19 8.12 7.68
C GLY A 17 10.98 9.59 8.00
N TRP A 18 10.20 9.86 9.04
CA TRP A 18 9.96 11.20 9.50
C TRP A 18 9.92 11.17 10.99
N PRO A 19 11.04 11.45 11.69
CA PRO A 19 11.01 11.46 13.16
C PRO A 19 10.46 12.82 13.61
N GLY A 20 9.23 13.09 13.23
CA GLY A 20 8.57 14.37 13.44
C GLY A 20 8.05 14.68 14.81
N GLY A 21 7.99 13.69 15.68
CA GLY A 21 7.48 13.86 17.04
C GLY A 21 8.51 14.46 17.97
N GLN A 22 9.76 14.56 17.50
CA GLN A 22 10.88 15.11 18.25
C GLN A 22 10.69 16.57 18.60
N ALA A 23 10.17 17.37 17.66
CA ALA A 23 9.84 18.77 17.93
C ALA A 23 8.34 18.94 18.09
N CYS A 24 7.52 18.00 17.54
CA CYS A 24 6.05 18.07 17.63
C CYS A 24 5.46 17.73 18.93
N GLN A 25 6.04 16.80 19.67
CA GLN A 25 5.51 16.44 21.01
C GLN A 25 5.67 17.64 21.94
N PRO A 26 6.88 18.25 22.09
CA PRO A 26 7.01 19.46 22.92
C PRO A 26 6.12 20.61 22.45
N ALA A 27 5.98 20.82 21.11
CA ALA A 27 5.09 21.83 20.53
C ALA A 27 3.63 21.56 20.92
N VAL A 28 3.22 20.30 21.00
CA VAL A 28 1.87 19.92 21.39
C VAL A 28 1.67 20.20 22.88
N GLU A 29 2.69 19.89 23.68
CA GLU A 29 2.72 20.08 25.14
C GLU A 29 2.67 21.54 25.53
N MET A 30 3.37 22.40 24.76
CA MET A 30 3.38 23.86 24.94
C MET A 30 1.99 24.38 24.59
N ALA A 31 1.40 23.86 23.51
CA ALA A 31 0.06 24.24 23.06
C ALA A 31 -1.01 23.85 24.05
N LEU A 32 -0.83 22.74 24.75
CA LEU A 32 -1.77 22.30 25.78
C LEU A 32 -1.67 23.19 27.04
N GLU A 33 -0.43 23.60 27.41
CA GLU A 33 -0.17 24.50 28.55
C GLU A 33 -0.87 25.83 28.31
N ASP A 34 -0.67 26.41 27.09
CA ASP A 34 -1.28 27.69 26.69
C ASP A 34 -2.79 27.64 26.62
N VAL A 35 -3.36 26.55 26.12
CA VAL A 35 -4.80 26.44 26.00
C VAL A 35 -5.46 26.29 27.37
N ASN A 36 -4.85 25.51 28.25
CA ASN A 36 -5.38 25.27 29.58
C ASN A 36 -5.30 26.45 30.55
N SER A 37 -4.45 27.46 30.26
CA SER A 37 -4.31 28.66 31.09
C SER A 37 -5.14 29.81 30.55
N ARG A 38 -5.98 29.51 29.56
CA ARG A 38 -6.88 30.47 28.97
C ARG A 38 -8.24 30.14 29.47
N ARG A 39 -8.91 31.12 30.07
CA ARG A 39 -10.25 30.90 30.62
C ARG A 39 -11.35 31.22 29.65
N ASP A 40 -11.02 31.78 28.50
CA ASP A 40 -12.01 32.07 27.48
C ASP A 40 -12.26 30.82 26.62
N ILE A 41 -11.34 29.83 26.65
CA ILE A 41 -11.44 28.64 25.80
C ILE A 41 -12.25 27.54 26.42
N LEU A 42 -11.65 26.76 27.32
CA LEU A 42 -12.39 25.67 27.92
C LEU A 42 -12.34 25.81 29.42
N PRO A 43 -13.18 26.73 29.95
CA PRO A 43 -13.20 26.97 31.40
C PRO A 43 -13.50 25.76 32.28
N ASP A 44 -14.36 24.85 31.80
CA ASP A 44 -14.83 23.64 32.49
C ASP A 44 -14.01 22.37 32.20
N TYR A 45 -13.01 22.46 31.29
CA TYR A 45 -12.22 21.31 30.92
C TYR A 45 -10.70 21.50 30.94
N GLU A 46 -9.97 20.39 31.15
CA GLU A 46 -8.52 20.36 31.12
C GLU A 46 -8.14 19.35 30.04
N LEU A 47 -7.49 19.82 28.97
CA LEU A 47 -7.01 18.97 27.87
C LEU A 47 -5.72 18.30 28.28
N LYS A 48 -5.74 16.95 28.28
CA LYS A 48 -4.59 16.11 28.66
C LYS A 48 -4.16 15.25 27.49
N LEU A 49 -2.86 14.92 27.44
CA LEU A 49 -2.25 14.13 26.39
C LEU A 49 -1.79 12.79 26.91
N ILE A 50 -2.05 11.74 26.11
CA ILE A 50 -1.59 10.36 26.29
C ILE A 50 -0.98 10.03 24.94
N HIS A 51 0.32 9.71 24.92
CA HIS A 51 1.02 9.50 23.66
C HIS A 51 1.90 8.25 23.64
N HIS A 52 2.34 7.88 22.42
CA HIS A 52 3.23 6.77 22.13
C HIS A 52 4.08 7.12 20.91
N ASP A 53 5.22 6.43 20.77
CA ASP A 53 6.13 6.58 19.64
C ASP A 53 5.67 5.60 18.56
N SER A 54 5.13 6.13 17.43
CA SER A 54 4.71 5.31 16.32
C SER A 54 5.90 4.71 15.61
N LYS A 55 7.10 5.38 15.77
CA LYS A 55 8.39 5.04 15.15
C LYS A 55 8.19 5.14 13.65
N CYS A 56 7.13 5.89 13.29
CA CYS A 56 6.65 6.13 11.95
C CYS A 56 6.35 4.78 11.28
N ASP A 57 5.90 3.82 12.09
CA ASP A 57 5.59 2.47 11.67
C ASP A 57 4.15 2.09 11.97
N PRO A 58 3.41 1.67 10.91
CA PRO A 58 2.00 1.29 11.09
C PRO A 58 1.75 0.04 11.92
N GLY A 59 2.63 -0.96 11.83
CA GLY A 59 2.50 -2.21 12.57
C GLY A 59 2.70 -1.95 14.04
N GLN A 60 3.62 -1.02 14.32
CA GLN A 60 3.95 -0.51 15.65
C GLN A 60 2.77 0.35 16.12
N ALA A 61 2.24 1.25 15.28
CA ALA A 61 1.14 2.13 15.63
C ALA A 61 -0.11 1.33 16.05
N THR A 62 -0.31 0.15 15.46
CA THR A 62 -1.41 -0.79 15.72
C THR A 62 -1.43 -1.26 17.18
N LYS A 63 -0.25 -1.51 17.76
CA LYS A 63 -0.11 -1.94 19.14
C LYS A 63 -0.54 -0.82 20.09
N TYR A 64 -0.18 0.42 19.75
CA TYR A 64 -0.46 1.62 20.52
C TYR A 64 -1.84 2.13 20.36
N LEU A 65 -2.46 1.91 19.20
CA LEU A 65 -3.84 2.30 18.96
C LEU A 65 -4.68 1.41 19.83
N TYR A 66 -4.31 0.12 19.93
CA TYR A 66 -5.02 -0.79 20.81
C TYR A 66 -4.84 -0.29 22.23
N GLU A 67 -3.59 0.07 22.61
CA GLU A 67 -3.24 0.60 23.92
C GLU A 67 -4.07 1.85 24.24
N LEU A 68 -4.26 2.76 23.25
CA LEU A 68 -5.06 3.98 23.40
C LEU A 68 -6.57 3.67 23.54
N LEU A 69 -7.12 2.83 22.68
CA LEU A 69 -8.56 2.51 22.65
C LEU A 69 -9.03 1.52 23.70
N TYR A 70 -8.18 0.56 24.08
CA TYR A 70 -8.57 -0.50 25.01
C TYR A 70 -8.18 -0.36 26.49
N ASN A 71 -7.77 0.84 26.87
CA ASN A 71 -7.42 1.19 28.24
C ASN A 71 -8.00 2.53 28.58
N ASP A 72 -8.50 2.65 29.79
CA ASP A 72 -9.04 3.91 30.27
C ASP A 72 -7.95 4.93 30.46
N PRO A 73 -8.21 6.23 30.28
CA PRO A 73 -9.51 6.88 30.02
C PRO A 73 -9.99 6.86 28.57
N ILE A 74 -11.26 7.20 28.35
CA ILE A 74 -11.82 7.35 27.00
C ILE A 74 -11.16 8.57 26.41
N LYS A 75 -10.79 8.49 25.14
CA LYS A 75 -10.12 9.59 24.44
C LYS A 75 -11.12 10.20 23.48
N ILE A 76 -11.12 11.51 23.36
CA ILE A 76 -12.10 12.20 22.51
C ILE A 76 -11.64 12.41 21.07
N ILE A 77 -10.35 12.37 20.84
CA ILE A 77 -9.73 12.59 19.53
C ILE A 77 -8.48 11.73 19.46
N LEU A 78 -8.04 11.45 18.24
CA LEU A 78 -6.82 10.72 17.99
C LEU A 78 -5.92 11.57 17.15
N MET A 79 -4.66 11.68 17.54
CA MET A 79 -3.71 12.52 16.86
C MET A 79 -2.45 11.83 16.30
N PRO A 80 -2.49 11.28 15.07
CA PRO A 80 -1.28 10.66 14.50
C PRO A 80 -0.42 11.65 13.67
N GLY A 81 0.85 11.31 13.44
CA GLY A 81 1.78 12.15 12.71
C GLY A 81 2.11 11.79 11.28
N CYS A 82 2.55 10.53 11.02
CA CYS A 82 2.93 10.04 9.68
C CYS A 82 1.73 9.80 8.78
N SER A 83 1.92 9.92 7.45
CA SER A 83 0.89 9.64 6.48
C SER A 83 0.55 8.15 6.57
N SER A 84 1.56 7.28 6.70
CA SER A 84 1.36 5.83 6.79
C SER A 84 0.63 5.44 8.06
N VAL A 85 0.88 6.14 9.16
CA VAL A 85 0.23 5.91 10.44
C VAL A 85 -1.20 6.49 10.40
N SER A 86 -1.39 7.70 9.81
CA SER A 86 -2.69 8.32 9.64
C SER A 86 -3.61 7.52 8.75
N THR A 87 -3.07 6.83 7.68
CA THR A 87 -3.92 6.01 6.78
C THR A 87 -4.54 4.84 7.53
N LEU A 88 -3.78 4.27 8.50
CA LEU A 88 -4.23 3.18 9.37
C LEU A 88 -5.25 3.67 10.40
N VAL A 89 -4.85 4.67 11.23
CA VAL A 89 -5.72 5.16 12.29
C VAL A 89 -6.99 5.86 11.80
N ALA A 90 -6.89 6.72 10.73
CA ALA A 90 -8.06 7.40 10.16
C ALA A 90 -9.11 6.44 9.57
N GLU A 91 -8.69 5.30 8.99
CA GLU A 91 -9.63 4.31 8.44
C GLU A 91 -10.27 3.47 9.54
N ALA A 92 -9.51 3.13 10.58
CA ALA A 92 -9.99 2.35 11.72
C ALA A 92 -10.91 3.13 12.68
N ALA A 93 -10.62 4.42 12.93
CA ALA A 93 -11.32 5.33 13.85
C ALA A 93 -12.82 5.34 13.79
N ARG A 94 -13.39 5.07 12.60
CA ARG A 94 -14.86 5.02 12.38
C ARG A 94 -15.57 4.04 13.33
N MET A 95 -14.91 2.91 13.65
CA MET A 95 -15.46 1.87 14.49
C MET A 95 -15.62 2.30 15.93
N TRP A 96 -14.90 3.34 16.34
CA TRP A 96 -14.96 3.89 17.68
C TRP A 96 -15.49 5.31 17.67
N ASN A 97 -15.99 5.76 16.53
CA ASN A 97 -16.56 7.10 16.39
C ASN A 97 -15.58 8.17 16.86
N LEU A 98 -14.36 8.15 16.33
CA LEU A 98 -13.32 9.08 16.71
C LEU A 98 -12.89 10.01 15.61
N ILE A 99 -12.72 11.29 15.95
CA ILE A 99 -12.19 12.32 15.06
C ILE A 99 -10.69 12.08 15.04
N VAL A 100 -10.09 12.17 13.85
CA VAL A 100 -8.66 12.01 13.69
C VAL A 100 -8.13 13.33 13.18
N LEU A 101 -7.18 13.91 13.92
CA LEU A 101 -6.52 15.15 13.54
C LEU A 101 -5.02 14.92 13.41
N SER A 102 -4.49 14.96 12.17
CA SER A 102 -3.06 14.80 11.91
C SER A 102 -2.36 16.14 11.81
N TYR A 103 -1.12 16.22 12.30
CA TYR A 103 -0.29 17.44 12.24
C TYR A 103 0.85 17.36 11.19
N GLY A 104 1.15 16.15 10.69
CA GLY A 104 2.24 15.92 9.74
C GLY A 104 1.98 15.12 8.47
N SER A 105 0.71 14.72 8.17
CA SER A 105 0.37 13.93 6.99
C SER A 105 0.19 14.72 5.71
N SER A 106 1.00 14.42 4.68
CA SER A 106 0.95 15.09 3.38
C SER A 106 0.34 14.27 2.22
N SER A 107 0.04 12.97 2.47
CA SER A 107 -0.53 12.04 1.50
C SER A 107 -1.87 12.51 0.90
N PRO A 108 -1.94 12.70 -0.44
CA PRO A 108 -3.22 13.12 -1.06
C PRO A 108 -4.37 12.14 -0.88
N ALA A 109 -4.04 10.86 -0.65
CA ALA A 109 -5.00 9.77 -0.44
C ALA A 109 -5.88 9.96 0.76
N LEU A 110 -5.38 10.73 1.75
CA LEU A 110 -6.08 11.02 3.00
C LEU A 110 -7.20 11.98 2.84
N SER A 111 -7.33 12.58 1.64
CA SER A 111 -8.45 13.45 1.28
C SER A 111 -9.43 12.50 0.59
N ASN A 112 -10.07 11.64 1.37
CA ASN A 112 -11.00 10.66 0.83
C ASN A 112 -12.03 10.43 1.90
N ARG A 113 -13.08 11.22 1.83
CA ARG A 113 -14.13 11.18 2.83
C ARG A 113 -14.79 9.84 3.06
N GLN A 114 -14.89 9.01 2.04
CA GLN A 114 -15.51 7.69 2.19
C GLN A 114 -14.61 6.78 3.01
N ARG A 115 -13.32 6.76 2.69
CA ARG A 115 -12.36 5.94 3.41
C ARG A 115 -11.98 6.51 4.76
N PHE A 116 -11.80 7.85 4.86
CA PHE A 116 -11.40 8.58 6.08
C PHE A 116 -12.47 9.61 6.45
N PRO A 117 -13.57 9.13 7.02
CA PRO A 117 -14.71 10.00 7.30
C PRO A 117 -14.63 11.09 8.35
N THR A 118 -13.78 10.93 9.38
CA THR A 118 -13.65 11.87 10.51
C THR A 118 -12.25 12.49 10.56
N PHE A 119 -11.54 12.49 9.43
CA PHE A 119 -10.17 12.96 9.34
C PHE A 119 -10.00 14.43 8.97
N PHE A 120 -9.05 15.08 9.67
CA PHE A 120 -8.64 16.48 9.49
C PHE A 120 -7.17 16.50 9.71
N ARG A 121 -6.48 17.38 9.02
CA ARG A 121 -5.05 17.52 9.17
C ARG A 121 -4.63 18.96 9.09
N THR A 122 -3.72 19.38 9.98
CA THR A 122 -3.22 20.76 9.92
C THR A 122 -2.09 20.84 8.92
N HIS A 123 -1.56 19.68 8.53
CA HIS A 123 -0.55 19.57 7.49
C HIS A 123 -1.30 19.46 6.19
N PRO A 124 -0.97 20.29 5.20
CA PRO A 124 -1.67 20.21 3.92
C PRO A 124 -1.27 18.99 3.10
N SER A 125 -2.08 18.69 2.09
CA SER A 125 -1.86 17.61 1.14
C SER A 125 -0.77 18.06 0.18
N ALA A 126 0.01 17.12 -0.39
CA ALA A 126 1.04 17.44 -1.38
C ALA A 126 0.39 18.05 -2.65
N THR A 127 -0.94 17.89 -2.83
CA THR A 127 -1.68 18.45 -3.96
C THR A 127 -1.84 19.97 -3.87
N LEU A 128 -1.49 20.57 -2.73
CA LEU A 128 -1.59 22.03 -2.56
C LEU A 128 -0.64 22.78 -3.48
N HIS A 129 0.41 22.12 -3.92
CA HIS A 129 1.38 22.70 -4.85
C HIS A 129 0.72 22.98 -6.21
N ASN A 130 -0.28 22.16 -6.59
CA ASN A 130 -1.00 22.21 -7.87
C ASN A 130 -1.72 23.52 -8.23
N PRO A 131 -2.56 24.16 -7.37
CA PRO A 131 -3.11 25.47 -7.73
C PRO A 131 -2.02 26.53 -7.97
N THR A 132 -0.86 26.42 -7.27
CA THR A 132 0.28 27.34 -7.42
C THR A 132 0.96 27.11 -8.77
N ARG A 133 1.09 25.83 -9.16
CA ARG A 133 1.65 25.42 -10.44
C ARG A 133 0.80 25.95 -11.59
N VAL A 134 -0.54 25.74 -11.53
CA VAL A 134 -1.46 26.23 -12.58
C VAL A 134 -1.44 27.74 -12.72
N LYS A 135 -1.37 28.48 -11.60
CA LYS A 135 -1.31 29.93 -11.58
C LYS A 135 -0.02 30.45 -12.22
N LEU A 136 1.11 29.76 -11.98
CA LEU A 136 2.42 30.12 -12.55
C LEU A 136 2.43 29.90 -14.06
N PHE A 137 1.70 28.87 -14.54
CA PHE A 137 1.58 28.57 -15.97
C PHE A 137 0.71 29.65 -16.62
N GLU A 138 -0.33 30.10 -15.91
CA GLU A 138 -1.26 31.17 -16.34
C GLU A 138 -0.54 32.51 -16.43
N LYS A 139 0.28 32.83 -15.41
CA LYS A 139 1.08 34.06 -15.33
C LYS A 139 2.07 34.16 -16.51
N TRP A 140 2.80 33.07 -16.78
CA TRP A 140 3.78 33.02 -17.87
C TRP A 140 3.24 32.51 -19.22
N GLY A 141 1.91 32.40 -19.31
CA GLY A 141 1.14 32.01 -20.50
C GLY A 141 1.53 30.69 -21.15
N TRP A 142 1.53 29.60 -20.38
CA TRP A 142 1.85 28.27 -20.88
C TRP A 142 0.64 27.36 -20.82
N LYS A 143 0.37 26.61 -21.92
CA LYS A 143 -0.76 25.70 -22.04
C LYS A 143 -0.34 24.25 -22.37
N LYS A 144 0.97 24.01 -22.53
CA LYS A 144 1.54 22.70 -22.82
C LYS A 144 2.59 22.35 -21.77
N ILE A 145 2.29 21.35 -20.90
CA ILE A 145 3.15 20.93 -19.78
C ILE A 145 3.55 19.44 -19.79
N ALA A 146 4.84 19.16 -19.50
CA ALA A 146 5.38 17.81 -19.43
C ALA A 146 5.52 17.43 -17.96
N THR A 147 5.33 16.15 -17.63
CA THR A 147 5.43 15.69 -16.25
C THR A 147 6.30 14.43 -16.13
N ILE A 148 7.28 14.46 -15.21
CA ILE A 148 8.14 13.32 -14.91
C ILE A 148 7.99 12.98 -13.43
N GLN A 149 7.80 11.70 -13.11
CA GLN A 149 7.63 11.29 -11.73
C GLN A 149 8.39 10.06 -11.37
N GLN A 150 8.84 9.99 -10.11
CA GLN A 150 9.44 8.74 -9.62
C GLN A 150 8.17 7.88 -9.39
N THR A 151 8.30 6.57 -9.50
CA THR A 151 7.15 5.69 -9.36
C THR A 151 6.70 5.52 -7.92
N THR A 152 6.17 6.59 -7.35
CA THR A 152 5.69 6.57 -5.98
C THR A 152 4.24 7.01 -5.99
N GLU A 153 3.46 6.49 -5.07
CA GLU A 153 2.05 6.79 -4.90
C GLU A 153 1.78 8.30 -4.73
N VAL A 154 2.54 8.99 -3.85
CA VAL A 154 2.41 10.44 -3.57
C VAL A 154 2.48 11.23 -4.87
N PHE A 155 3.46 10.87 -5.71
CA PHE A 155 3.71 11.53 -6.97
C PHE A 155 2.67 11.19 -8.00
N THR A 156 2.13 9.97 -7.97
CA THR A 156 1.05 9.52 -8.84
C THR A 156 -0.24 10.30 -8.51
N SER A 157 -0.61 10.36 -7.20
CA SER A 157 -1.79 11.07 -6.68
C SER A 157 -1.74 12.57 -6.96
N THR A 158 -0.55 13.18 -6.84
CA THR A 158 -0.33 14.61 -7.08
C THR A 158 -0.48 14.92 -8.56
N LEU A 159 0.05 14.03 -9.44
CA LEU A 159 -0.06 14.21 -10.87
C LEU A 159 -1.49 14.01 -11.38
N ASP A 160 -2.24 13.06 -10.76
CA ASP A 160 -3.65 12.80 -11.06
C ASP A 160 -4.50 14.04 -10.77
N ASP A 161 -4.17 14.73 -9.66
CA ASP A 161 -4.83 15.97 -9.27
C ASP A 161 -4.45 17.10 -10.23
N LEU A 162 -3.20 17.11 -10.73
CA LEU A 162 -2.73 18.14 -11.66
C LEU A 162 -3.47 18.06 -12.98
N GLU A 163 -3.72 16.84 -13.48
CA GLU A 163 -4.45 16.64 -14.73
C GLU A 163 -5.82 17.24 -14.63
N GLU A 164 -6.57 16.92 -13.55
CA GLU A 164 -7.90 17.49 -13.34
C GLU A 164 -7.85 19.02 -13.26
N ARG A 165 -6.86 19.56 -12.55
CA ARG A 165 -6.70 20.99 -12.30
C ARG A 165 -6.28 21.81 -13.48
N VAL A 166 -5.43 21.25 -14.33
CA VAL A 166 -4.95 21.91 -15.52
C VAL A 166 -6.11 22.11 -16.51
N LYS A 167 -6.99 21.10 -16.61
CA LYS A 167 -8.16 21.10 -17.49
C LYS A 167 -9.11 22.21 -17.14
N GLU A 168 -9.37 22.42 -15.85
CA GLU A 168 -10.27 23.48 -15.39
C GLU A 168 -9.68 24.85 -15.73
N ALA A 169 -8.40 24.87 -16.14
CA ALA A 169 -7.69 26.10 -16.50
C ALA A 169 -7.42 26.22 -18.00
N GLY A 170 -7.85 25.24 -18.78
CA GLY A 170 -7.66 25.20 -20.22
C GLY A 170 -6.21 24.96 -20.64
N ILE A 171 -5.51 24.08 -19.93
CA ILE A 171 -4.11 23.73 -20.20
C ILE A 171 -4.03 22.21 -20.41
N GLU A 172 -2.99 21.70 -21.07
CA GLU A 172 -2.87 20.26 -21.27
C GLU A 172 -1.52 19.67 -20.95
N ILE A 173 -1.53 18.43 -20.45
CA ILE A 173 -0.32 17.67 -20.13
C ILE A 173 0.08 16.95 -21.42
N THR A 174 1.18 17.40 -22.04
CA THR A 174 1.70 16.85 -23.30
C THR A 174 2.24 15.44 -23.12
N PHE A 175 3.22 15.26 -22.20
CA PHE A 175 3.87 13.97 -21.96
C PHE A 175 4.04 13.64 -20.51
N ARG A 176 3.71 12.41 -20.11
CA ARG A 176 3.86 11.94 -18.74
C ARG A 176 4.79 10.73 -18.72
N GLN A 177 5.94 10.89 -18.04
CA GLN A 177 6.96 9.85 -17.90
C GLN A 177 7.15 9.46 -16.44
N SER A 178 7.55 8.21 -16.19
CA SER A 178 7.80 7.72 -14.83
C SER A 178 8.97 6.77 -14.81
N PHE A 179 9.61 6.65 -13.66
CA PHE A 179 10.73 5.74 -13.49
C PHE A 179 10.75 5.30 -12.08
N PHE A 180 11.13 4.07 -11.88
CA PHE A 180 11.23 3.54 -10.55
C PHE A 180 12.48 4.15 -9.89
N SER A 181 13.62 4.11 -10.56
CA SER A 181 14.85 4.59 -9.94
C SER A 181 15.82 5.29 -10.89
N ASP A 182 15.86 4.84 -12.14
CA ASP A 182 16.76 5.36 -13.15
C ASP A 182 16.04 6.20 -14.20
N PRO A 183 16.36 7.51 -14.23
CA PRO A 183 15.67 8.41 -15.15
C PRO A 183 16.28 8.60 -16.53
N ALA A 184 17.27 7.80 -16.94
CA ALA A 184 17.93 8.00 -18.24
C ALA A 184 17.04 8.09 -19.47
N VAL A 185 16.07 7.17 -19.61
CA VAL A 185 15.13 7.14 -20.75
C VAL A 185 14.07 8.25 -20.66
N PRO A 186 13.38 8.45 -19.51
CA PRO A 186 12.35 9.52 -19.45
C PRO A 186 12.95 10.89 -19.75
N VAL A 187 14.16 11.15 -19.25
CA VAL A 187 14.85 12.40 -19.52
C VAL A 187 15.16 12.42 -21.02
N LYS A 188 15.56 11.26 -21.57
CA LYS A 188 15.86 11.01 -22.98
C LYS A 188 14.70 11.40 -23.87
N ASN A 189 13.49 10.91 -23.55
CA ASN A 189 12.27 11.18 -24.29
C ASN A 189 11.78 12.60 -24.16
N LEU A 190 12.07 13.25 -23.04
CA LEU A 190 11.68 14.64 -22.82
C LEU A 190 12.34 15.54 -23.85
N LYS A 191 13.63 15.29 -24.16
CA LYS A 191 14.35 16.03 -25.17
C LYS A 191 13.84 15.71 -26.58
N ARG A 192 13.45 14.45 -26.83
CA ARG A 192 12.93 13.96 -28.12
C ARG A 192 11.68 14.70 -28.54
N GLN A 193 10.77 14.84 -27.60
CA GLN A 193 9.46 15.42 -27.80
C GLN A 193 9.49 16.92 -27.83
N ASP A 194 10.65 17.51 -27.56
CA ASP A 194 10.86 18.93 -27.48
C ASP A 194 9.94 19.50 -26.39
N ALA A 195 9.93 18.84 -25.24
CA ALA A 195 9.15 19.29 -24.10
C ALA A 195 9.82 20.57 -23.65
N ARG A 196 9.02 21.58 -23.32
CA ARG A 196 9.62 22.86 -22.99
C ARG A 196 9.35 23.35 -21.57
N ILE A 197 8.17 23.08 -21.03
CA ILE A 197 7.82 23.45 -19.65
C ILE A 197 7.58 22.15 -18.92
N ILE A 198 8.48 21.83 -17.98
CA ILE A 198 8.44 20.54 -17.29
C ILE A 198 8.27 20.60 -15.78
N VAL A 199 7.45 19.70 -15.27
CA VAL A 199 7.22 19.47 -13.85
C VAL A 199 7.82 18.10 -13.53
N GLY A 200 8.67 18.07 -12.51
CA GLY A 200 9.32 16.82 -12.06
C GLY A 200 9.11 16.54 -10.60
N LEU A 201 8.61 15.33 -10.26
CA LEU A 201 8.38 14.97 -8.87
C LEU A 201 9.16 13.75 -8.48
N PHE A 202 10.07 13.90 -7.51
CA PHE A 202 10.92 12.81 -7.03
C PHE A 202 11.55 13.21 -5.75
N TYR A 203 12.15 12.24 -5.08
CA TYR A 203 12.88 12.53 -3.87
C TYR A 203 14.23 13.14 -4.24
N GLU A 204 14.97 13.60 -3.24
CA GLU A 204 16.25 14.27 -3.45
C GLU A 204 17.31 13.44 -4.15
N THR A 205 17.48 12.15 -3.78
CA THR A 205 18.48 11.28 -4.42
C THR A 205 18.19 11.18 -5.93
N GLU A 206 16.91 11.03 -6.27
CA GLU A 206 16.42 10.86 -7.64
C GLU A 206 16.53 12.13 -8.43
N ALA A 207 16.35 13.30 -7.78
CA ALA A 207 16.47 14.62 -8.41
C ALA A 207 17.88 14.84 -8.94
N ARG A 208 18.89 14.35 -8.21
CA ARG A 208 20.30 14.42 -8.58
C ARG A 208 20.54 13.60 -9.83
N LYS A 209 19.96 12.41 -9.89
CA LYS A 209 20.06 11.52 -11.05
C LYS A 209 19.37 12.13 -12.25
N VAL A 210 18.19 12.75 -12.06
CA VAL A 210 17.43 13.43 -13.11
C VAL A 210 18.27 14.56 -13.68
N PHE A 211 18.89 15.36 -12.81
CA PHE A 211 19.69 16.48 -13.25
C PHE A 211 21.01 16.18 -13.87
N CYS A 212 21.58 15.04 -13.56
CA CYS A 212 22.80 14.62 -14.22
C CYS A 212 22.39 14.28 -15.64
N GLU A 213 21.28 13.54 -15.81
CA GLU A 213 20.73 13.18 -17.10
C GLU A 213 20.33 14.44 -17.82
N VAL A 214 19.70 15.38 -17.10
CA VAL A 214 19.36 16.68 -17.65
C VAL A 214 20.69 17.33 -18.00
N TYR A 215 21.73 17.10 -17.17
CA TYR A 215 23.01 17.64 -17.52
C TYR A 215 23.47 17.05 -18.86
N LYS A 216 23.54 15.71 -18.98
CA LYS A 216 23.99 15.03 -20.19
C LYS A 216 23.23 15.42 -21.45
N GLU A 217 21.89 15.50 -21.38
CA GLU A 217 21.11 15.80 -22.57
C GLU A 217 20.87 17.23 -22.95
N ARG A 218 21.68 18.17 -22.45
CA ARG A 218 21.55 19.59 -22.80
C ARG A 218 20.11 20.05 -22.64
N LEU A 219 19.43 19.52 -21.62
CA LEU A 219 18.03 19.82 -21.38
C LEU A 219 17.81 20.94 -20.35
N PHE A 220 18.65 21.94 -20.42
CA PHE A 220 18.55 23.12 -19.58
C PHE A 220 18.97 24.25 -20.46
N GLY A 221 18.34 25.36 -20.25
CA GLY A 221 18.66 26.55 -21.00
C GLY A 221 17.57 27.57 -20.87
N LYS A 222 17.60 28.54 -21.77
CA LYS A 222 16.58 29.58 -21.83
C LYS A 222 15.29 28.91 -22.24
N LYS A 223 15.36 27.88 -23.09
CA LYS A 223 14.20 27.15 -23.57
C LYS A 223 13.39 26.43 -22.50
N TYR A 224 14.07 25.98 -21.43
CA TYR A 224 13.49 25.15 -20.39
C TYR A 224 13.21 25.75 -19.06
N VAL A 225 12.09 25.28 -18.49
CA VAL A 225 11.60 25.64 -17.17
C VAL A 225 11.23 24.37 -16.47
N TRP A 226 11.86 24.16 -15.33
CA TRP A 226 11.66 23.01 -14.48
C TRP A 226 10.98 23.44 -13.22
N PHE A 227 9.98 22.67 -12.81
CA PHE A 227 9.23 22.90 -11.58
C PHE A 227 9.51 21.75 -10.68
N LEU A 228 9.92 22.05 -9.47
CA LEU A 228 10.26 21.00 -8.50
C LEU A 228 9.66 21.28 -7.14
N ILE A 229 9.83 20.32 -6.25
CA ILE A 229 9.39 20.50 -4.88
C ILE A 229 10.50 21.24 -4.09
N GLY A 230 10.08 22.26 -3.33
CA GLY A 230 10.94 23.11 -2.55
C GLY A 230 11.45 22.59 -1.22
N TRP A 231 11.24 21.29 -0.94
CA TRP A 231 11.68 20.69 0.31
C TRP A 231 12.97 19.89 0.30
N TYR A 232 13.83 20.11 -0.70
CA TYR A 232 15.14 19.44 -0.74
C TYR A 232 16.08 20.19 0.20
N ALA A 233 17.14 19.52 0.66
CA ALA A 233 18.15 20.12 1.51
C ALA A 233 18.86 21.20 0.73
N ASP A 234 19.44 22.17 1.43
CA ASP A 234 20.19 23.24 0.75
C ASP A 234 21.34 22.67 0.01
N ASN A 235 21.56 23.18 -1.22
CA ASN A 235 22.63 22.78 -2.13
C ASN A 235 22.54 21.30 -2.40
N TRP A 236 21.31 20.81 -2.57
CA TRP A 236 21.01 19.40 -2.85
C TRP A 236 21.73 18.92 -4.11
N PHE A 237 22.01 19.82 -5.04
CA PHE A 237 22.67 19.51 -6.31
C PHE A 237 24.20 19.53 -6.26
N LYS A 238 24.77 20.03 -5.17
CA LYS A 238 26.23 20.02 -5.02
C LYS A 238 26.59 18.80 -4.20
N ILE A 239 25.55 18.09 -3.70
CA ILE A 239 25.75 16.90 -2.90
C ILE A 239 26.40 15.84 -3.73
N TYR A 240 27.34 15.16 -3.12
CA TYR A 240 28.11 14.14 -3.79
C TYR A 240 27.46 12.78 -3.76
N ASP A 241 27.35 12.21 -4.94
CA ASP A 241 26.81 10.87 -5.10
C ASP A 241 27.70 10.09 -6.03
N PRO A 242 28.28 8.98 -5.50
CA PRO A 242 29.15 8.12 -6.33
C PRO A 242 28.48 7.58 -7.60
N SER A 243 27.14 7.54 -7.61
CA SER A 243 26.30 7.04 -8.70
C SER A 243 25.98 8.10 -9.76
N ILE A 244 26.61 9.28 -9.69
CA ILE A 244 26.37 10.35 -10.66
C ILE A 244 27.67 10.66 -11.35
N ASN A 245 27.71 10.53 -12.68
CA ASN A 245 28.90 10.84 -13.45
C ASN A 245 29.18 12.36 -13.50
N CYS A 246 28.12 13.19 -13.50
CA CYS A 246 28.14 14.63 -13.56
C CYS A 246 28.81 15.33 -12.35
N THR A 247 29.37 16.51 -12.58
CA THR A 247 30.02 17.26 -11.51
C THR A 247 29.24 18.45 -10.99
N VAL A 248 29.67 18.96 -9.84
CA VAL A 248 29.12 20.09 -9.10
C VAL A 248 28.84 21.26 -10.01
N ASP A 249 29.80 21.64 -10.86
CA ASP A 249 29.68 22.78 -11.76
C ASP A 249 28.63 22.55 -12.81
N GLU A 250 28.64 21.36 -13.38
CA GLU A 250 27.71 20.91 -14.41
C GLU A 250 26.32 20.86 -13.81
N MET A 251 26.21 20.29 -12.61
CA MET A 251 24.98 20.17 -11.87
C MET A 251 24.46 21.51 -11.43
N THR A 252 25.36 22.45 -11.07
CA THR A 252 25.01 23.84 -10.69
C THR A 252 24.49 24.54 -11.95
N GLU A 253 25.00 24.13 -13.12
CA GLU A 253 24.62 24.63 -14.45
C GLU A 253 23.19 24.17 -14.78
N ALA A 254 22.90 22.87 -14.59
CA ALA A 254 21.59 22.25 -14.89
C ALA A 254 20.45 22.74 -13.99
N VAL A 255 20.64 22.78 -12.67
CA VAL A 255 19.61 23.21 -11.73
C VAL A 255 19.24 24.69 -11.88
N GLU A 256 20.18 25.54 -12.32
CA GLU A 256 19.98 26.98 -12.50
C GLU A 256 18.65 27.36 -13.20
N GLY A 257 17.91 28.26 -12.57
CA GLY A 257 16.63 28.77 -13.06
C GLY A 257 15.37 28.02 -12.68
N HIS A 258 15.48 26.76 -12.16
CA HIS A 258 14.32 25.95 -11.80
C HIS A 258 13.44 26.59 -10.71
N ILE A 259 12.12 26.34 -10.79
CA ILE A 259 11.12 26.88 -9.86
C ILE A 259 10.74 25.80 -8.84
N THR A 260 10.53 26.22 -7.58
CA THR A 260 10.09 25.32 -6.51
C THR A 260 8.87 25.88 -5.81
N THR A 261 8.00 24.98 -5.34
CA THR A 261 6.82 25.31 -4.56
C THR A 261 6.96 24.54 -3.25
N GLU A 262 6.62 25.19 -2.13
CA GLU A 262 6.63 24.57 -0.81
C GLU A 262 5.58 25.24 0.06
N ILE A 263 4.97 24.48 0.96
CA ILE A 263 3.95 25.00 1.86
C ILE A 263 4.56 25.92 2.92
N VAL A 264 3.90 27.05 3.20
CA VAL A 264 4.33 27.98 4.24
C VAL A 264 3.83 27.30 5.53
N MET A 265 4.74 27.05 6.47
CA MET A 265 4.41 26.41 7.75
C MET A 265 4.59 27.31 8.97
N LEU A 266 5.16 28.49 8.76
CA LEU A 266 5.37 29.48 9.80
C LEU A 266 5.07 30.80 9.17
N ASN A 267 4.23 31.59 9.84
CA ASN A 267 3.90 32.90 9.31
C ASN A 267 5.17 33.77 9.23
N PRO A 268 5.48 34.25 8.02
CA PRO A 268 6.70 35.06 7.83
C PRO A 268 6.61 36.41 8.55
N ALA A 269 5.40 36.96 8.58
CA ALA A 269 5.01 38.22 9.21
C ALA A 269 5.24 38.20 10.71
N ASN A 270 5.29 39.40 11.28
CA ASN A 270 5.52 39.62 12.70
C ASN A 270 4.24 39.88 13.50
N THR A 271 3.10 39.45 12.97
CA THR A 271 1.79 39.60 13.60
C THR A 271 1.60 38.58 14.73
N ARG A 272 0.71 38.88 15.69
CA ARG A 272 0.41 37.96 16.81
C ARG A 272 -0.84 37.15 16.54
N SER A 273 -0.75 35.82 16.76
CA SER A 273 -1.86 34.88 16.54
C SER A 273 -2.75 34.72 17.80
N ILE A 274 -3.69 33.74 17.82
CA ILE A 274 -4.62 33.49 18.94
C ILE A 274 -3.90 33.27 20.29
N SER A 275 -2.70 32.66 20.27
CA SER A 275 -1.87 32.42 21.45
C SER A 275 -1.24 33.70 22.01
N ASN A 276 -1.16 34.75 21.16
CA ASN A 276 -0.55 36.08 21.36
C ASN A 276 0.96 36.06 21.14
N MET A 277 1.45 34.98 20.50
CA MET A 277 2.87 34.82 20.15
C MET A 277 3.07 35.26 18.71
N THR A 278 4.30 35.63 18.38
CA THR A 278 4.71 35.94 17.02
C THR A 278 5.39 34.65 16.53
N SER A 279 5.61 34.51 15.20
CA SER A 279 6.28 33.33 14.64
C SER A 279 7.66 33.11 15.26
N GLN A 280 8.41 34.21 15.48
CA GLN A 280 9.76 34.26 16.05
C GLN A 280 9.76 33.86 17.53
N GLU A 281 8.70 34.24 18.28
CA GLU A 281 8.57 33.91 19.70
C GLU A 281 8.33 32.42 19.86
N PHE A 282 7.43 31.82 19.02
CA PHE A 282 7.15 30.39 19.02
C PHE A 282 8.45 29.60 18.80
N VAL A 283 9.22 29.96 17.75
CA VAL A 283 10.49 29.35 17.39
C VAL A 283 11.47 29.37 18.58
N GLU A 284 11.62 30.56 19.24
CA GLU A 284 12.48 30.76 20.41
C GLU A 284 12.00 29.92 21.58
N LYS A 285 10.67 29.90 21.85
CA LYS A 285 10.08 29.11 22.95
C LYS A 285 10.29 27.60 22.73
N LEU A 286 10.10 27.11 21.49
CA LEU A 286 10.28 25.71 21.13
C LEU A 286 11.75 25.27 21.22
N THR A 287 12.70 26.13 20.75
CA THR A 287 14.15 25.86 20.79
C THR A 287 14.63 25.53 22.23
N LYS A 288 13.98 26.14 23.23
CA LYS A 288 14.28 25.98 24.66
C LYS A 288 13.88 24.62 25.21
N ARG A 289 12.74 24.06 24.78
CA ARG A 289 12.26 22.77 25.29
C ARG A 289 13.06 21.59 24.75
N LEU A 290 13.88 21.84 23.73
CA LEU A 290 14.66 20.83 23.02
C LEU A 290 16.02 20.45 23.60
N LYS A 291 16.28 19.14 23.66
CA LYS A 291 17.52 18.51 24.14
C LYS A 291 18.66 18.83 23.19
N ARG A 292 18.32 19.00 21.92
CA ARG A 292 19.29 19.27 20.90
C ARG A 292 18.88 20.47 20.06
N HIS A 293 19.73 20.86 19.11
CA HIS A 293 19.47 22.01 18.25
C HIS A 293 18.30 21.77 17.31
N PRO A 294 17.57 22.86 16.93
CA PRO A 294 16.47 22.71 15.96
C PRO A 294 16.89 21.92 14.71
N GLU A 295 18.16 22.09 14.31
CA GLU A 295 18.78 21.46 13.15
C GLU A 295 18.82 19.95 13.22
N GLU A 296 19.05 19.41 14.40
CA GLU A 296 19.05 17.96 14.56
C GLU A 296 17.70 17.53 15.14
N THR A 297 16.68 18.38 14.99
CA THR A 297 15.36 18.06 15.49
C THR A 297 14.41 17.81 14.33
N GLY A 298 13.87 16.58 14.31
CA GLY A 298 12.95 16.12 13.29
C GLY A 298 11.59 16.76 13.42
N GLY A 299 11.05 17.22 12.30
CA GLY A 299 9.76 17.88 12.27
C GLY A 299 9.74 19.23 12.94
N PHE A 300 10.91 19.90 12.99
CA PHE A 300 11.00 21.23 13.59
C PHE A 300 10.14 22.23 12.85
N GLN A 301 10.15 22.14 11.51
CA GLN A 301 9.37 23.03 10.67
C GLN A 301 7.88 22.67 10.61
N GLU A 302 7.51 21.42 10.99
CA GLU A 302 6.09 21.01 11.04
C GLU A 302 5.53 21.29 12.44
N ALA A 303 6.41 21.66 13.40
CA ALA A 303 6.02 21.96 14.78
C ALA A 303 4.91 23.01 14.90
N PRO A 304 4.89 24.12 14.09
CA PRO A 304 3.76 25.07 14.20
C PRO A 304 2.42 24.40 13.87
N LEU A 305 2.40 23.47 12.88
CA LEU A 305 1.20 22.73 12.47
C LEU A 305 0.66 21.88 13.63
N ALA A 306 1.57 21.29 14.44
CA ALA A 306 1.25 20.49 15.63
C ALA A 306 0.68 21.38 16.74
N TYR A 307 1.25 22.59 16.90
CA TYR A 307 0.84 23.59 17.86
C TYR A 307 -0.57 24.08 17.51
N ASP A 308 -0.80 24.37 16.21
CA ASP A 308 -2.07 24.84 15.70
C ASP A 308 -3.16 23.79 15.70
N ALA A 309 -2.76 22.50 15.65
CA ALA A 309 -3.68 21.36 15.70
C ALA A 309 -4.40 21.34 17.04
N ILE A 310 -3.66 21.54 18.15
CA ILE A 310 -4.20 21.59 19.50
C ILE A 310 -5.18 22.77 19.63
N TRP A 311 -4.84 23.96 19.05
CA TRP A 311 -5.72 25.12 19.06
C TRP A 311 -6.99 24.89 18.28
N ALA A 312 -6.89 24.27 17.09
CA ALA A 312 -8.02 23.91 16.24
C ALA A 312 -9.00 23.01 16.99
N LEU A 313 -8.46 22.03 17.73
CA LEU A 313 -9.24 21.10 18.55
C LEU A 313 -9.87 21.86 19.73
N ALA A 314 -9.06 22.62 20.49
CA ALA A 314 -9.49 23.41 21.64
C ALA A 314 -10.68 24.29 21.27
N LEU A 315 -10.53 25.07 20.18
CA LEU A 315 -11.55 25.97 19.66
C LEU A 315 -12.80 25.21 19.18
N ALA A 316 -12.63 24.00 18.64
CA ALA A 316 -13.75 23.17 18.20
C ALA A 316 -14.51 22.63 19.41
N LEU A 317 -13.78 22.13 20.44
CA LEU A 317 -14.35 21.64 21.69
C LEU A 317 -15.01 22.78 22.44
N ASN A 318 -14.49 24.02 22.27
CA ASN A 318 -15.07 25.19 22.91
C ASN A 318 -16.40 25.55 22.29
N LYS A 319 -16.50 25.43 20.95
CA LYS A 319 -17.73 25.69 20.23
C LYS A 319 -18.84 24.71 20.64
N THR A 320 -18.48 23.45 20.94
CA THR A 320 -19.44 22.41 21.35
C THR A 320 -19.72 22.47 22.88
N SER A 321 -18.64 22.61 23.70
CA SER A 321 -18.65 22.69 25.18
C SER A 321 -19.34 21.52 25.84
N ARG A 330 -20.65 18.72 27.03
CA ARG A 330 -20.93 17.38 27.58
C ARG A 330 -19.81 16.39 27.20
N LEU A 331 -18.56 16.89 27.11
CA LEU A 331 -17.37 16.15 26.70
C LEU A 331 -17.03 14.90 27.54
N GLU A 332 -17.36 14.91 28.84
CA GLU A 332 -17.12 13.80 29.76
C GLU A 332 -17.97 12.56 29.46
N ASP A 333 -19.07 12.74 28.71
CA ASP A 333 -20.00 11.66 28.36
C ASP A 333 -19.70 10.98 27.03
N PHE A 334 -18.54 11.29 26.40
CA PHE A 334 -18.13 10.66 25.14
C PHE A 334 -17.90 9.15 25.32
N ASN A 335 -18.41 8.38 24.35
CA ASN A 335 -18.28 6.92 24.29
C ASN A 335 -18.02 6.47 22.85
N TYR A 336 -17.24 5.39 22.69
CA TYR A 336 -16.88 4.86 21.37
C TYR A 336 -18.07 4.27 20.59
N ASN A 337 -19.14 3.90 21.31
CA ASN A 337 -20.35 3.33 20.72
C ASN A 337 -21.32 4.42 20.24
N ASN A 338 -21.03 5.71 20.54
CA ASN A 338 -21.90 6.83 20.15
C ASN A 338 -21.29 7.88 19.22
N GLN A 339 -22.08 8.24 18.21
CA GLN A 339 -21.84 9.17 17.09
C GLN A 339 -22.21 10.62 17.40
N THR A 340 -23.10 10.84 18.39
CA THR A 340 -23.62 12.16 18.76
C THR A 340 -22.55 13.22 18.97
N ILE A 341 -21.72 13.10 20.00
CA ILE A 341 -20.66 14.07 20.26
C ILE A 341 -19.69 14.20 19.05
N THR A 342 -19.26 13.06 18.45
CA THR A 342 -18.36 13.03 17.28
C THR A 342 -18.81 14.00 16.18
N ASP A 343 -20.08 13.86 15.75
CA ASP A 343 -20.72 14.65 14.69
C ASP A 343 -20.78 16.12 14.98
N GLN A 344 -20.90 16.50 16.25
CA GLN A 344 -20.95 17.92 16.60
C GLN A 344 -19.58 18.52 16.43
N ILE A 345 -18.54 17.74 16.78
CA ILE A 345 -17.14 18.13 16.67
C ILE A 345 -16.79 18.15 15.22
N TYR A 346 -17.21 17.14 14.47
CA TYR A 346 -16.91 17.12 13.04
C TYR A 346 -17.34 18.46 12.48
N ARG A 347 -18.61 18.85 12.76
CA ARG A 347 -19.22 20.11 12.34
C ARG A 347 -18.42 21.32 12.78
N ALA A 348 -17.96 21.34 14.05
CA ALA A 348 -17.17 22.41 14.64
C ALA A 348 -15.76 22.50 14.04
N MET A 349 -15.09 21.35 13.84
CA MET A 349 -13.76 21.25 13.24
C MET A 349 -13.81 21.72 11.82
N ASN A 350 -14.87 21.32 11.11
CA ASN A 350 -15.13 21.65 9.72
C ASN A 350 -15.25 23.16 9.51
N SER A 351 -15.70 23.91 10.50
CA SER A 351 -15.87 25.35 10.30
C SER A 351 -14.80 26.13 11.05
N SER A 352 -13.62 25.52 11.19
CA SER A 352 -12.46 26.15 11.86
C SER A 352 -12.01 27.34 11.04
N SER A 353 -11.65 28.41 11.73
CA SER A 353 -11.14 29.63 11.14
C SER A 353 -10.46 30.44 12.22
N PHE A 354 -9.14 30.45 12.23
CA PHE A 354 -8.39 31.21 13.23
C PHE A 354 -6.98 31.45 12.77
N GLU A 355 -6.32 32.40 13.41
CA GLU A 355 -4.94 32.70 13.10
C GLU A 355 -4.08 31.89 14.04
N GLY A 356 -3.26 31.02 13.46
CA GLY A 356 -2.32 30.18 14.19
C GLY A 356 -0.90 30.60 13.90
N VAL A 357 0.08 29.97 14.58
CA VAL A 357 1.51 30.26 14.40
C VAL A 357 1.98 29.98 12.96
N SER A 358 1.24 29.09 12.25
CA SER A 358 1.49 28.71 10.84
C SER A 358 0.72 29.60 9.84
N GLY A 359 -0.18 30.42 10.36
CA GLY A 359 -1.00 31.31 9.55
C GLY A 359 -2.47 31.02 9.74
N HIS A 360 -3.29 31.43 8.76
CA HIS A 360 -4.74 31.22 8.83
C HIS A 360 -5.08 29.75 8.73
N VAL A 361 -5.76 29.22 9.74
CA VAL A 361 -6.12 27.81 9.78
C VAL A 361 -7.58 27.60 9.34
N VAL A 362 -7.76 26.92 8.21
CA VAL A 362 -9.03 26.54 7.59
C VAL A 362 -8.84 25.20 6.90
N PHE A 363 -9.88 24.37 6.91
CA PHE A 363 -9.85 23.07 6.22
C PHE A 363 -10.85 23.09 5.06
N ASP A 364 -10.54 22.37 3.98
CA ASP A 364 -11.45 22.24 2.84
C ASP A 364 -12.50 21.15 3.15
N ALA A 365 -13.37 20.81 2.18
CA ALA A 365 -14.44 19.81 2.33
C ALA A 365 -13.95 18.42 2.75
N SER A 366 -12.70 18.08 2.37
CA SER A 366 -12.02 16.81 2.65
C SER A 366 -11.26 16.78 4.00
N GLY A 367 -11.31 17.87 4.77
CA GLY A 367 -10.63 17.96 6.06
C GLY A 367 -9.16 18.33 5.96
N SER A 368 -8.69 18.66 4.76
CA SER A 368 -7.31 19.01 4.49
C SER A 368 -7.08 20.54 4.57
N ARG A 369 -5.97 20.93 5.23
CA ARG A 369 -5.53 22.30 5.49
C ARG A 369 -5.31 23.13 4.23
N MET A 370 -5.83 24.36 4.25
CA MET A 370 -5.65 25.35 3.18
C MET A 370 -4.60 26.34 3.65
N ALA A 371 -3.50 26.49 2.87
CA ALA A 371 -2.39 27.35 3.26
C ALA A 371 -1.70 28.06 2.11
N TRP A 372 -0.83 29.04 2.44
CA TRP A 372 -0.02 29.79 1.49
C TRP A 372 1.13 28.88 1.00
N THR A 373 1.58 29.12 -0.23
CA THR A 373 2.73 28.40 -0.78
C THR A 373 3.83 29.42 -1.07
N LEU A 374 5.07 29.04 -0.85
CA LEU A 374 6.20 29.91 -1.13
C LEU A 374 6.80 29.49 -2.46
N ILE A 375 6.91 30.44 -3.38
CA ILE A 375 7.49 30.19 -4.70
C ILE A 375 8.92 30.70 -4.70
N GLU A 376 9.86 29.84 -5.11
CA GLU A 376 11.28 30.18 -5.15
C GLU A 376 11.90 29.83 -6.51
N GLN A 377 12.99 30.51 -6.87
CA GLN A 377 13.74 30.25 -8.10
C GLN A 377 15.24 30.16 -7.81
N LEU A 378 15.93 29.13 -8.36
CA LEU A 378 17.36 28.99 -8.13
C LEU A 378 18.16 29.95 -9.02
N GLN A 379 18.62 31.06 -8.40
CA GLN A 379 19.39 32.13 -9.02
C GLN A 379 20.80 32.19 -8.50
N GLY A 380 21.76 31.95 -9.40
CA GLY A 380 23.21 31.95 -9.09
C GLY A 380 23.59 30.89 -8.08
N GLY A 381 22.94 29.74 -8.17
CA GLY A 381 23.11 28.61 -7.27
C GLY A 381 22.42 28.82 -5.93
N SER A 382 21.57 29.84 -5.82
CA SER A 382 20.84 30.17 -4.60
C SER A 382 19.37 30.41 -4.88
N TYR A 383 18.51 30.08 -3.92
CA TYR A 383 17.07 30.30 -4.10
C TYR A 383 16.70 31.67 -3.68
N LYS A 384 15.98 32.37 -4.55
CA LYS A 384 15.46 33.70 -4.23
C LYS A 384 13.96 33.61 -4.30
N LYS A 385 13.29 34.15 -3.30
CA LYS A 385 11.82 34.12 -3.20
C LYS A 385 11.21 35.01 -4.23
N ILE A 386 10.49 34.44 -5.15
CA ILE A 386 9.86 35.23 -6.19
C ILE A 386 8.38 35.50 -5.87
N GLY A 387 7.83 34.80 -4.88
CA GLY A 387 6.45 35.00 -4.51
C GLY A 387 5.81 34.04 -3.52
N TYR A 388 4.50 34.24 -3.32
CA TYR A 388 3.60 33.48 -2.44
C TYR A 388 2.22 33.37 -3.10
N TYR A 389 1.53 32.22 -2.94
CA TYR A 389 0.20 32.06 -3.52
C TYR A 389 -0.86 31.51 -2.54
N ASP A 390 -2.04 32.15 -2.49
CA ASP A 390 -3.18 31.80 -1.66
C ASP A 390 -4.30 31.25 -2.54
N SER A 391 -4.34 29.91 -2.68
CA SER A 391 -5.28 29.13 -3.49
C SER A 391 -6.76 29.46 -3.25
N THR A 392 -7.14 29.62 -1.98
CA THR A 392 -8.54 29.86 -1.55
C THR A 392 -9.05 31.21 -2.00
N LYS A 393 -8.17 32.20 -2.00
CA LYS A 393 -8.55 33.57 -2.35
C LYS A 393 -7.94 34.05 -3.65
N ASP A 394 -7.27 33.16 -4.40
CA ASP A 394 -6.57 33.50 -5.65
C ASP A 394 -5.68 34.74 -5.42
N ASP A 395 -4.98 34.75 -4.30
CA ASP A 395 -4.12 35.88 -4.05
C ASP A 395 -2.72 35.48 -4.39
N LEU A 396 -2.07 36.29 -5.19
CA LEU A 396 -0.70 36.05 -5.60
C LEU A 396 0.15 37.25 -5.16
N SER A 397 1.16 36.98 -4.32
CA SER A 397 2.09 38.02 -3.86
C SER A 397 3.29 37.95 -4.76
N TRP A 398 3.47 38.94 -5.62
CA TRP A 398 4.61 38.90 -6.52
C TRP A 398 5.69 39.90 -6.22
N SER A 399 6.92 39.41 -6.04
CA SER A 399 8.11 40.22 -5.82
C SER A 399 8.89 40.16 -7.13
N LYS A 400 9.31 41.32 -7.64
CA LYS A 400 10.05 41.38 -8.90
C LYS A 400 11.50 40.94 -8.72
N THR A 401 11.69 39.64 -8.44
CA THR A 401 13.00 39.04 -8.21
C THR A 401 13.27 37.82 -9.09
N ASP A 402 12.29 37.45 -9.95
CA ASP A 402 12.45 36.32 -10.87
C ASP A 402 13.34 36.71 -12.05
N LYS A 403 14.36 35.88 -12.34
CA LYS A 403 15.31 36.15 -13.42
C LYS A 403 15.33 35.03 -14.44
N TRP A 404 15.16 35.46 -15.70
CA TRP A 404 15.10 34.64 -16.90
C TRP A 404 16.15 35.08 -17.90
N ILE A 405 16.73 34.12 -18.63
CA ILE A 405 17.71 34.45 -19.68
C ILE A 405 16.94 35.08 -20.84
N GLY A 406 17.47 36.18 -21.35
CA GLY A 406 16.83 36.90 -22.44
C GLY A 406 15.70 37.78 -21.95
N GLY A 407 15.72 38.05 -20.64
CA GLY A 407 14.78 38.92 -19.95
C GLY A 407 13.33 38.48 -19.91
N SER A 408 13.03 37.25 -20.33
CA SER A 408 11.65 36.76 -20.30
C SER A 408 11.53 35.26 -20.32
N PRO A 409 10.40 34.78 -19.75
CA PRO A 409 10.14 33.35 -19.74
C PRO A 409 10.14 32.79 -21.13
N PRO A 410 10.68 31.57 -21.23
CA PRO A 410 10.67 30.85 -22.52
C PRO A 410 9.22 30.53 -22.87
N ALA A 411 9.01 29.63 -23.79
CA ALA A 411 7.64 29.29 -24.13
C ALA A 411 7.51 27.80 -24.26
N ASP A 412 6.27 27.30 -24.15
CA ASP A 412 5.94 25.88 -24.26
C ASP A 412 6.31 25.24 -25.60
N ASP A 413 6.44 26.04 -26.66
CA ASP A 413 6.79 25.49 -27.98
C ASP A 413 7.96 26.18 -28.67
N TYR A 414 8.16 25.84 -29.96
CA TYR A 414 9.27 26.25 -30.82
C TYR A 414 9.53 27.70 -31.04
N LYS A 415 8.50 28.52 -31.35
CA LYS A 415 8.70 29.95 -31.63
C LYS A 415 10.00 30.45 -31.00
N SER B 12 -8.54 -31.07 30.94
CA SER B 12 -8.25 -30.80 29.54
C SER B 12 -8.10 -29.28 29.28
N PRO B 13 -6.86 -28.72 29.42
CA PRO B 13 -6.68 -27.28 29.21
C PRO B 13 -6.76 -26.88 27.75
N PRO B 14 -7.27 -25.67 27.41
CA PRO B 14 -7.36 -25.29 25.99
C PRO B 14 -6.08 -24.70 25.43
N LEU B 15 -5.89 -24.90 24.11
CA LEU B 15 -4.82 -24.30 23.34
C LEU B 15 -5.61 -23.40 22.38
N SER B 16 -5.82 -22.14 22.80
CA SER B 16 -6.62 -21.16 22.06
C SER B 16 -5.93 -20.60 20.83
N ILE B 17 -6.68 -20.56 19.71
CA ILE B 17 -6.23 -20.05 18.41
C ILE B 17 -7.25 -19.03 17.88
N MET B 18 -6.75 -17.89 17.44
CA MET B 18 -7.58 -16.81 16.94
C MET B 18 -7.86 -17.01 15.45
N GLY B 19 -9.09 -17.39 15.14
CA GLY B 19 -9.56 -17.59 13.77
C GLY B 19 -10.10 -16.30 13.20
N LEU B 20 -9.42 -15.75 12.19
CA LEU B 20 -9.81 -14.48 11.55
C LEU B 20 -10.11 -14.70 10.08
N MET B 21 -11.36 -14.45 9.66
CA MET B 21 -11.81 -14.64 8.27
C MET B 21 -13.17 -13.99 8.06
N PRO B 22 -13.58 -13.65 6.80
CA PRO B 22 -14.94 -13.15 6.60
C PRO B 22 -15.93 -14.33 6.67
N LEU B 23 -16.99 -14.19 7.48
CA LEU B 23 -17.97 -15.26 7.68
C LEU B 23 -19.41 -14.88 7.28
N THR B 24 -19.73 -13.57 7.21
CA THR B 24 -21.06 -13.06 6.90
C THR B 24 -21.46 -13.25 5.44
N LYS B 25 -22.73 -13.67 5.22
CA LYS B 25 -23.40 -13.88 3.93
C LYS B 25 -23.48 -12.56 3.13
N GLU B 26 -23.50 -11.42 3.85
CA GLU B 26 -23.56 -10.06 3.29
C GLU B 26 -22.24 -9.65 2.61
N VAL B 27 -21.13 -10.31 3.00
CA VAL B 27 -19.80 -10.08 2.46
C VAL B 27 -19.50 -11.18 1.44
N ALA B 28 -19.13 -10.79 0.21
CA ALA B 28 -18.82 -11.67 -0.92
C ALA B 28 -17.75 -12.74 -0.59
N LYS B 29 -16.62 -12.32 0.07
CA LYS B 29 -15.54 -13.24 0.47
C LYS B 29 -15.86 -14.07 1.72
N GLY B 30 -17.11 -13.96 2.20
CA GLY B 30 -17.66 -14.74 3.30
C GLY B 30 -17.82 -16.20 2.90
N SER B 31 -17.89 -16.44 1.56
CA SER B 31 -17.99 -17.76 0.93
C SER B 31 -16.71 -18.55 1.10
N ILE B 32 -15.54 -17.86 1.23
CA ILE B 32 -14.24 -18.52 1.45
C ILE B 32 -14.22 -19.01 2.90
N GLY B 33 -14.51 -18.11 3.84
CA GLY B 33 -14.56 -18.40 5.27
C GLY B 33 -15.51 -19.52 5.63
N ARG B 34 -16.72 -19.53 5.02
CA ARG B 34 -17.72 -20.57 5.26
C ARG B 34 -17.40 -21.88 4.54
N GLY B 35 -16.88 -21.79 3.31
CA GLY B 35 -16.52 -22.95 2.52
C GLY B 35 -15.40 -23.79 3.08
N VAL B 36 -14.54 -23.18 3.90
CA VAL B 36 -13.37 -23.81 4.52
C VAL B 36 -13.66 -24.39 5.90
N LEU B 37 -14.67 -23.86 6.63
CA LEU B 37 -15.05 -24.34 7.96
C LEU B 37 -15.32 -25.85 8.07
N PRO B 38 -16.07 -26.51 7.12
CA PRO B 38 -16.24 -27.98 7.21
C PRO B 38 -14.91 -28.74 7.20
N ALA B 39 -13.91 -28.24 6.44
CA ALA B 39 -12.57 -28.82 6.35
C ALA B 39 -11.82 -28.62 7.69
N VAL B 40 -11.98 -27.44 8.30
CA VAL B 40 -11.39 -27.07 9.58
C VAL B 40 -12.03 -27.93 10.68
N GLU B 41 -13.37 -28.13 10.61
CA GLU B 41 -14.13 -28.97 11.53
C GLU B 41 -13.63 -30.42 11.47
N LEU B 42 -13.34 -30.95 10.28
CA LEU B 42 -12.83 -32.31 10.08
C LEU B 42 -11.47 -32.51 10.72
N ALA B 43 -10.53 -31.57 10.48
CA ALA B 43 -9.17 -31.60 11.02
C ALA B 43 -9.18 -31.51 12.55
N ILE B 44 -9.97 -30.57 13.14
CA ILE B 44 -10.10 -30.37 14.59
C ILE B 44 -10.66 -31.62 15.27
N GLU B 45 -11.77 -32.19 14.73
CA GLU B 45 -12.44 -33.40 15.20
C GLU B 45 -11.49 -34.58 15.31
N GLN B 46 -10.65 -34.80 14.27
CA GLN B 46 -9.68 -35.90 14.24
C GLN B 46 -8.59 -35.74 15.27
N ILE B 47 -7.94 -34.56 15.31
CA ILE B 47 -6.86 -34.22 16.25
C ILE B 47 -7.33 -34.45 17.71
N ARG B 48 -8.61 -34.14 17.97
CA ARG B 48 -9.27 -34.29 19.28
C ARG B 48 -9.45 -35.73 19.70
N ASN B 49 -10.08 -36.58 18.84
CA ASN B 49 -10.34 -38.01 19.10
C ASN B 49 -9.08 -38.76 19.33
N GLU B 50 -8.14 -38.58 18.41
CA GLU B 50 -6.83 -39.22 18.45
C GLU B 50 -6.03 -38.73 19.64
N SER B 51 -6.55 -37.68 20.34
CA SER B 51 -5.95 -37.07 21.53
C SER B 51 -4.48 -36.79 21.29
N LEU B 52 -4.18 -36.26 20.10
CA LEU B 52 -2.82 -35.96 19.65
C LEU B 52 -2.13 -34.97 20.54
N LEU B 53 -2.89 -33.98 21.02
CA LEU B 53 -2.34 -32.93 21.86
C LEU B 53 -2.64 -33.14 23.31
N ARG B 54 -3.04 -34.38 23.67
CA ARG B 54 -3.33 -34.74 25.04
C ARG B 54 -2.18 -34.32 25.95
N PRO B 55 -2.50 -33.67 27.09
CA PRO B 55 -3.85 -33.44 27.66
C PRO B 55 -4.61 -32.23 27.11
N TYR B 56 -3.92 -31.41 26.33
CA TYR B 56 -4.53 -30.21 25.78
C TYR B 56 -5.47 -30.53 24.63
N PHE B 57 -6.30 -29.57 24.29
CA PHE B 57 -7.21 -29.66 23.18
C PHE B 57 -7.18 -28.35 22.42
N LEU B 58 -7.28 -28.43 21.08
CA LEU B 58 -7.27 -27.28 20.18
C LEU B 58 -8.57 -26.48 20.30
N ASP B 59 -8.45 -25.21 20.72
CA ASP B 59 -9.58 -24.31 20.93
C ASP B 59 -9.60 -23.19 19.89
N LEU B 60 -10.18 -23.47 18.71
CA LEU B 60 -10.27 -22.44 17.68
C LEU B 60 -11.47 -21.55 17.93
N ARG B 61 -11.22 -20.27 18.15
CA ARG B 61 -12.26 -19.25 18.36
C ARG B 61 -12.38 -18.48 17.04
N LEU B 62 -13.61 -18.29 16.54
CA LEU B 62 -13.83 -17.60 15.27
C LEU B 62 -14.31 -16.16 15.42
N TYR B 63 -13.67 -15.25 14.67
CA TYR B 63 -13.97 -13.81 14.67
C TYR B 63 -14.12 -13.36 13.22
N ASP B 64 -15.24 -12.67 12.94
CA ASP B 64 -15.55 -12.21 11.59
C ASP B 64 -14.83 -10.89 11.28
N THR B 65 -14.00 -10.91 10.25
CA THR B 65 -13.28 -9.72 9.80
C THR B 65 -14.18 -8.84 8.92
N GLU B 66 -15.15 -9.47 8.24
CA GLU B 66 -16.10 -8.88 7.30
C GLU B 66 -15.42 -8.33 6.07
N CYS B 67 -14.17 -8.79 5.78
CA CYS B 67 -13.37 -8.39 4.62
C CYS B 67 -13.23 -6.85 4.56
N ASP B 68 -13.12 -6.23 5.74
CA ASP B 68 -13.04 -4.78 5.93
C ASP B 68 -11.88 -4.44 6.86
N ASN B 69 -11.08 -3.42 6.50
CA ASN B 69 -9.92 -2.97 7.28
C ASN B 69 -10.26 -2.58 8.71
N ALA B 70 -11.29 -1.72 8.90
CA ALA B 70 -11.70 -1.22 10.22
C ALA B 70 -12.37 -2.29 11.08
N LYS B 71 -13.38 -3.00 10.51
CA LYS B 71 -14.10 -4.10 11.17
C LYS B 71 -13.14 -5.27 11.50
N GLY B 72 -12.24 -5.59 10.58
CA GLY B 72 -11.23 -6.63 10.74
C GLY B 72 -10.25 -6.34 11.87
N LEU B 73 -9.78 -5.08 11.96
CA LEU B 73 -8.88 -4.62 13.02
C LEU B 73 -9.63 -4.65 14.37
N LYS B 74 -10.90 -4.19 14.39
CA LYS B 74 -11.71 -4.22 15.61
C LYS B 74 -11.97 -5.68 16.06
N ALA B 75 -12.18 -6.60 15.10
CA ALA B 75 -12.40 -8.02 15.37
C ALA B 75 -11.15 -8.62 16.04
N PHE B 76 -9.95 -8.22 15.59
CA PHE B 76 -8.67 -8.65 16.13
C PHE B 76 -8.48 -8.04 17.53
N TYR B 77 -8.79 -6.73 17.69
CA TYR B 77 -8.66 -6.01 18.96
C TYR B 77 -9.60 -6.57 20.03
N ASP B 78 -10.86 -6.91 19.65
CA ASP B 78 -11.85 -7.47 20.56
C ASP B 78 -11.50 -8.90 20.98
N ALA B 79 -10.83 -9.66 20.11
CA ALA B 79 -10.36 -11.00 20.39
C ALA B 79 -9.25 -10.94 21.47
N ILE B 80 -8.36 -9.93 21.39
CA ILE B 80 -7.29 -9.73 22.36
C ILE B 80 -7.86 -9.29 23.71
N LYS B 81 -8.81 -8.34 23.69
CA LYS B 81 -9.44 -7.81 24.89
C LYS B 81 -10.35 -8.81 25.62
N TYR B 82 -11.41 -9.30 24.95
CA TYR B 82 -12.43 -10.16 25.53
C TYR B 82 -12.26 -11.67 25.36
N GLY B 83 -11.46 -12.09 24.38
CA GLY B 83 -11.24 -13.50 24.10
C GLY B 83 -10.19 -14.16 24.98
N PRO B 84 -10.02 -15.50 24.87
CA PRO B 84 -9.01 -16.19 25.67
C PRO B 84 -7.59 -15.85 25.21
N ASN B 85 -6.56 -16.31 25.94
CA ASN B 85 -5.18 -16.03 25.55
C ASN B 85 -4.77 -16.92 24.37
N HIS B 86 -4.93 -16.38 23.14
CA HIS B 86 -4.62 -17.06 21.89
C HIS B 86 -3.12 -17.22 21.72
N LEU B 87 -2.68 -18.40 21.27
CA LEU B 87 -1.26 -18.71 21.07
C LEU B 87 -0.81 -18.32 19.67
N MET B 88 -1.75 -18.39 18.70
CA MET B 88 -1.52 -18.01 17.32
C MET B 88 -2.80 -17.63 16.54
N VAL B 89 -2.61 -16.99 15.38
CA VAL B 89 -3.64 -16.50 14.47
C VAL B 89 -3.79 -17.45 13.30
N PHE B 90 -5.01 -17.90 13.04
CA PHE B 90 -5.31 -18.78 11.92
C PHE B 90 -6.27 -18.06 10.99
N GLY B 91 -5.80 -17.75 9.80
CA GLY B 91 -6.62 -17.06 8.83
C GLY B 91 -6.03 -15.77 8.29
N GLY B 92 -6.93 -14.90 7.85
CA GLY B 92 -6.61 -13.67 7.14
C GLY B 92 -6.77 -14.06 5.70
N VAL B 93 -7.88 -13.60 5.08
CA VAL B 93 -8.28 -13.97 3.72
C VAL B 93 -8.09 -12.81 2.74
N CYS B 94 -8.72 -11.67 3.05
CA CYS B 94 -8.66 -10.48 2.20
C CYS B 94 -7.30 -9.78 2.30
N PRO B 95 -6.71 -9.37 1.16
CA PRO B 95 -5.35 -8.80 1.19
C PRO B 95 -5.02 -7.63 2.10
N SER B 96 -5.85 -6.58 2.10
CA SER B 96 -5.59 -5.39 2.91
C SER B 96 -5.75 -5.63 4.41
N VAL B 97 -6.76 -6.44 4.81
CA VAL B 97 -7.05 -6.81 6.21
C VAL B 97 -5.85 -7.64 6.75
N THR B 98 -5.43 -8.68 5.99
CA THR B 98 -4.31 -9.55 6.35
C THR B 98 -3.01 -8.75 6.51
N SER B 99 -2.72 -7.79 5.59
CA SER B 99 -1.52 -6.93 5.67
C SER B 99 -1.46 -6.12 6.97
N ILE B 100 -2.61 -5.57 7.41
CA ILE B 100 -2.73 -4.80 8.66
C ILE B 100 -2.43 -5.70 9.86
N ILE B 101 -3.12 -6.83 9.98
CA ILE B 101 -2.94 -7.80 11.08
C ILE B 101 -1.54 -8.42 11.07
N ALA B 102 -1.07 -8.92 9.91
CA ALA B 102 0.26 -9.53 9.75
C ALA B 102 1.42 -8.60 10.13
N GLU B 103 1.33 -7.29 9.81
CA GLU B 103 2.38 -6.29 10.11
C GLU B 103 2.53 -6.05 11.61
N SER B 104 1.42 -6.14 12.35
CA SER B 104 1.34 -5.87 13.79
C SER B 104 1.71 -7.03 14.73
N LEU B 105 1.61 -8.29 14.24
CA LEU B 105 1.82 -9.57 14.96
C LEU B 105 2.84 -9.56 16.09
N GLN B 106 4.04 -9.01 15.85
CA GLN B 106 5.12 -8.97 16.86
C GLN B 106 4.75 -8.25 18.15
N GLY B 107 3.81 -7.30 18.04
CA GLY B 107 3.28 -6.55 19.18
C GLY B 107 2.65 -7.44 20.22
N TRP B 108 2.08 -8.56 19.79
CA TRP B 108 1.42 -9.52 20.68
C TRP B 108 2.10 -10.90 20.65
N ASN B 109 3.31 -10.99 20.04
CA ASN B 109 4.11 -12.23 19.90
C ASN B 109 3.29 -13.38 19.33
N LEU B 110 2.40 -13.05 18.37
CA LEU B 110 1.48 -13.98 17.71
C LEU B 110 1.98 -14.42 16.32
N VAL B 111 2.14 -15.73 16.14
CA VAL B 111 2.52 -16.29 14.84
C VAL B 111 1.22 -16.44 14.06
N GLN B 112 1.21 -16.11 12.75
CA GLN B 112 0.01 -16.21 11.93
C GLN B 112 0.18 -17.17 10.78
N LEU B 113 -0.85 -18.01 10.60
CA LEU B 113 -0.91 -18.97 9.50
C LEU B 113 -2.17 -18.76 8.68
N SER B 114 -1.98 -18.31 7.44
CA SER B 114 -3.05 -18.04 6.49
C SER B 114 -3.23 -19.22 5.53
N PHE B 115 -4.45 -19.40 5.04
CA PHE B 115 -4.78 -20.48 4.12
C PHE B 115 -5.35 -19.91 2.81
N ALA B 116 -5.61 -18.57 2.76
CA ALA B 116 -6.21 -17.94 1.58
C ALA B 116 -5.59 -16.63 1.09
N ALA B 117 -4.74 -15.96 1.89
CA ALA B 117 -4.13 -14.69 1.49
C ALA B 117 -2.94 -15.01 0.60
N THR B 118 -3.08 -14.72 -0.70
CA THR B 118 -2.11 -15.04 -1.73
C THR B 118 -1.31 -13.85 -2.23
N THR B 119 -1.51 -12.67 -1.62
CA THR B 119 -0.79 -11.46 -2.04
C THR B 119 0.71 -11.59 -1.82
N PRO B 120 1.52 -11.38 -2.88
CA PRO B 120 2.99 -11.53 -2.75
C PRO B 120 3.66 -10.64 -1.71
N VAL B 121 3.07 -9.46 -1.44
CA VAL B 121 3.49 -8.45 -0.47
C VAL B 121 3.87 -9.05 0.88
N LEU B 122 3.09 -10.07 1.33
CA LEU B 122 3.27 -10.79 2.58
C LEU B 122 4.58 -11.61 2.69
N ALA B 123 5.27 -11.87 1.55
CA ALA B 123 6.56 -12.60 1.51
C ALA B 123 7.71 -11.79 2.16
N ASP B 124 7.54 -10.45 2.27
CA ASP B 124 8.50 -9.54 2.88
C ASP B 124 8.63 -9.83 4.37
N LYS B 125 9.66 -10.59 4.77
CA LYS B 125 9.90 -10.93 6.18
C LYS B 125 10.43 -9.78 7.05
N LYS B 126 10.81 -8.63 6.44
CA LYS B 126 11.25 -7.44 7.18
C LYS B 126 10.01 -6.78 7.78
N LYS B 127 8.90 -6.75 7.00
CA LYS B 127 7.61 -6.14 7.35
C LYS B 127 6.65 -7.15 8.01
N TYR B 128 6.66 -8.43 7.56
CA TYR B 128 5.77 -9.49 8.08
C TYR B 128 6.56 -10.73 8.61
N PRO B 129 7.43 -10.57 9.67
CA PRO B 129 8.24 -11.71 10.12
C PRO B 129 7.50 -12.91 10.70
N TYR B 130 6.39 -12.68 11.40
CA TYR B 130 5.58 -13.69 12.10
C TYR B 130 4.47 -14.31 11.25
N PHE B 131 4.40 -13.93 9.96
CA PHE B 131 3.39 -14.42 9.04
C PHE B 131 3.87 -15.65 8.23
N PHE B 132 3.02 -16.70 8.18
CA PHE B 132 3.22 -17.94 7.41
C PHE B 132 1.94 -18.20 6.62
N ARG B 133 2.04 -18.93 5.49
CA ARG B 133 0.88 -19.32 4.69
C ARG B 133 1.02 -20.70 4.03
N THR B 134 -0.04 -21.53 4.09
CA THR B 134 -0.08 -22.87 3.47
C THR B 134 -0.37 -22.77 1.97
N VAL B 135 -0.93 -21.63 1.53
CA VAL B 135 -1.29 -21.39 0.13
C VAL B 135 -0.16 -20.71 -0.65
N PRO B 136 0.23 -21.21 -1.85
CA PRO B 136 1.27 -20.50 -2.63
C PRO B 136 0.77 -19.10 -3.05
N SER B 137 1.66 -18.11 -3.05
CA SER B 137 1.30 -16.75 -3.45
C SER B 137 1.07 -16.63 -4.95
N ASP B 138 0.54 -15.48 -5.40
CA ASP B 138 0.27 -15.19 -6.82
C ASP B 138 1.53 -15.34 -7.67
N ASN B 139 2.72 -15.05 -7.10
CA ASN B 139 4.05 -15.14 -7.74
C ASN B 139 4.56 -16.57 -7.94
N ALA B 140 4.04 -17.56 -7.18
CA ALA B 140 4.41 -18.97 -7.25
C ALA B 140 4.22 -19.60 -8.66
N VAL B 141 3.44 -18.94 -9.53
CA VAL B 141 3.21 -19.38 -10.90
C VAL B 141 4.47 -19.14 -11.77
N ASN B 142 5.26 -18.10 -11.45
CA ASN B 142 6.47 -17.75 -12.18
C ASN B 142 7.55 -18.85 -12.24
N PRO B 143 8.01 -19.49 -11.11
CA PRO B 143 8.98 -20.60 -11.25
C PRO B 143 8.40 -21.76 -12.08
N ALA B 144 7.07 -21.97 -12.00
CA ALA B 144 6.36 -23.02 -12.77
C ALA B 144 6.44 -22.72 -14.26
N ILE B 145 6.07 -21.47 -14.67
CA ILE B 145 6.11 -20.99 -16.06
C ILE B 145 7.53 -21.15 -16.63
N LEU B 146 8.58 -20.82 -15.83
CA LEU B 146 10.00 -20.96 -16.21
C LEU B 146 10.27 -22.39 -16.67
N LYS B 147 9.82 -23.40 -15.89
CA LYS B 147 9.97 -24.82 -16.23
C LYS B 147 9.19 -25.19 -17.50
N LEU B 148 8.01 -24.60 -17.72
CA LEU B 148 7.21 -24.84 -18.93
C LEU B 148 7.93 -24.29 -20.17
N LEU B 149 8.58 -23.10 -20.03
CA LEU B 149 9.31 -22.45 -21.12
C LEU B 149 10.55 -23.26 -21.48
N LYS B 150 11.26 -23.77 -20.45
CA LYS B 150 12.47 -24.61 -20.61
C LYS B 150 12.08 -25.96 -21.25
N HIS B 151 10.96 -26.56 -20.82
CA HIS B 151 10.44 -27.82 -21.32
C HIS B 151 10.17 -27.80 -22.81
N TYR B 152 9.57 -26.71 -23.33
CA TYR B 152 9.23 -26.58 -24.74
C TYR B 152 10.22 -25.79 -25.56
N GLN B 153 11.38 -25.44 -24.96
CA GLN B 153 12.47 -24.68 -25.59
C GLN B 153 12.04 -23.30 -26.12
N TRP B 154 11.20 -22.60 -25.32
CA TRP B 154 10.70 -21.25 -25.59
C TRP B 154 11.66 -20.29 -24.89
N LYS B 155 12.57 -19.69 -25.67
CA LYS B 155 13.64 -18.80 -25.20
C LYS B 155 13.32 -17.30 -25.38
N ARG B 156 12.22 -17.00 -26.07
CA ARG B 156 11.80 -15.63 -26.35
C ARG B 156 10.30 -15.48 -26.06
N VAL B 157 9.97 -14.56 -25.13
CA VAL B 157 8.58 -14.34 -24.70
C VAL B 157 8.21 -12.87 -24.75
N GLY B 158 6.91 -12.62 -24.74
CA GLY B 158 6.31 -11.30 -24.69
C GLY B 158 5.37 -11.27 -23.49
N THR B 159 5.23 -10.10 -22.83
CA THR B 159 4.33 -9.99 -21.69
C THR B 159 3.22 -8.98 -21.91
N LEU B 160 2.00 -9.35 -21.47
CA LEU B 160 0.80 -8.52 -21.54
C LEU B 160 0.21 -8.48 -20.13
N THR B 161 0.37 -7.34 -19.45
CA THR B 161 -0.07 -7.15 -18.07
C THR B 161 -1.11 -6.03 -17.93
N GLN B 162 -2.10 -6.24 -17.05
CA GLN B 162 -3.12 -5.24 -16.72
C GLN B 162 -2.52 -4.30 -15.66
N ASP B 163 -2.71 -2.98 -15.84
CA ASP B 163 -2.19 -1.96 -14.91
C ASP B 163 -3.01 -1.86 -13.62
N VAL B 164 -2.91 -2.92 -12.81
CA VAL B 164 -3.55 -3.11 -11.50
C VAL B 164 -2.50 -3.88 -10.67
N GLN B 165 -2.28 -3.47 -9.40
CA GLN B 165 -1.29 -4.04 -8.48
C GLN B 165 -1.22 -5.58 -8.45
N ARG B 166 -2.39 -6.27 -8.46
CA ARG B 166 -2.47 -7.74 -8.42
C ARG B 166 -1.66 -8.40 -9.55
N PHE B 167 -1.69 -7.78 -10.76
CA PHE B 167 -1.03 -8.27 -11.97
C PHE B 167 0.39 -7.72 -12.17
N SER B 168 0.64 -6.44 -11.84
CA SER B 168 1.96 -5.82 -11.96
C SER B 168 2.96 -6.40 -10.95
N GLU B 169 2.46 -6.92 -9.79
CA GLU B 169 3.29 -7.59 -8.77
C GLU B 169 3.88 -8.89 -9.35
N VAL B 170 3.04 -9.66 -10.10
CA VAL B 170 3.42 -10.90 -10.75
C VAL B 170 4.40 -10.66 -11.90
N ARG B 171 4.17 -9.62 -12.72
CA ARG B 171 5.06 -9.26 -13.83
C ARG B 171 6.44 -8.79 -13.33
N ASN B 172 6.46 -8.04 -12.21
CA ASN B 172 7.69 -7.55 -11.60
C ASN B 172 8.54 -8.73 -11.09
N ASP B 173 7.90 -9.75 -10.50
CA ASP B 173 8.56 -10.94 -9.99
C ASP B 173 9.11 -11.80 -11.12
N LEU B 174 8.45 -11.80 -12.30
CA LEU B 174 8.87 -12.56 -13.48
C LEU B 174 10.28 -12.15 -13.94
N THR B 175 10.61 -10.84 -13.85
CA THR B 175 11.91 -10.29 -14.20
C THR B 175 13.05 -10.99 -13.45
N GLY B 176 12.93 -11.10 -12.14
CA GLY B 176 13.92 -11.76 -11.30
C GLY B 176 13.99 -13.27 -11.52
N VAL B 177 12.86 -13.90 -11.88
CA VAL B 177 12.76 -15.35 -12.13
C VAL B 177 13.46 -15.71 -13.46
N LEU B 178 13.25 -14.87 -14.50
CA LEU B 178 13.85 -15.06 -15.83
C LEU B 178 15.29 -14.53 -15.98
N TYR B 179 15.81 -13.86 -14.94
CA TYR B 179 17.18 -13.35 -14.95
C TYR B 179 18.15 -14.51 -14.67
N GLY B 180 19.22 -14.59 -15.44
CA GLY B 180 20.22 -15.65 -15.32
C GLY B 180 19.84 -16.94 -16.00
N GLU B 181 18.70 -16.92 -16.73
CA GLU B 181 18.13 -18.03 -17.50
C GLU B 181 18.19 -17.61 -18.97
N ASP B 182 18.18 -18.58 -19.89
CA ASP B 182 18.27 -18.25 -21.31
C ASP B 182 16.89 -17.88 -21.91
N ILE B 183 16.19 -16.93 -21.26
CA ILE B 183 14.86 -16.46 -21.70
C ILE B 183 14.81 -14.94 -21.82
N GLU B 184 14.59 -14.45 -23.05
CA GLU B 184 14.49 -13.05 -23.40
C GLU B 184 13.04 -12.57 -23.37
N ILE B 185 12.79 -11.42 -22.71
CA ILE B 185 11.47 -10.80 -22.75
C ILE B 185 11.62 -9.74 -23.83
N SER B 186 11.35 -10.13 -25.09
CA SER B 186 11.49 -9.28 -26.25
C SER B 186 10.55 -8.07 -26.25
N ASP B 187 9.34 -8.21 -25.68
CA ASP B 187 8.35 -7.12 -25.63
C ASP B 187 7.53 -7.12 -24.34
N THR B 188 7.48 -5.98 -23.64
CA THR B 188 6.74 -5.79 -22.39
C THR B 188 5.64 -4.77 -22.64
N GLU B 189 4.37 -5.21 -22.60
CA GLU B 189 3.21 -4.34 -22.83
C GLU B 189 2.25 -4.30 -21.65
N SER B 190 1.74 -3.08 -21.33
CA SER B 190 0.79 -2.80 -20.26
C SER B 190 -0.48 -2.19 -20.83
N PHE B 191 -1.62 -2.34 -20.11
CA PHE B 191 -2.92 -1.77 -20.47
C PHE B 191 -3.78 -1.52 -19.24
N SER B 192 -4.71 -0.56 -19.34
CA SER B 192 -5.59 -0.22 -18.23
C SER B 192 -7.02 -0.69 -18.50
N ASN B 193 -7.62 -0.27 -19.63
CA ASN B 193 -9.00 -0.60 -19.98
C ASN B 193 -9.11 -1.40 -21.28
N ASP B 194 -8.30 -1.05 -22.28
CA ASP B 194 -8.35 -1.71 -23.60
C ASP B 194 -7.00 -2.35 -23.97
N PRO B 195 -6.94 -3.69 -24.18
CA PRO B 195 -5.66 -4.35 -24.49
C PRO B 195 -5.23 -4.31 -25.95
N CYS B 196 -6.15 -3.97 -26.89
CA CYS B 196 -5.93 -3.95 -28.34
C CYS B 196 -4.68 -3.28 -28.88
N THR B 197 -4.32 -2.11 -28.33
CA THR B 197 -3.11 -1.38 -28.74
C THR B 197 -1.88 -2.21 -28.40
N SER B 198 -1.85 -2.76 -27.16
CA SER B 198 -0.78 -3.60 -26.63
C SER B 198 -0.64 -4.91 -27.40
N VAL B 199 -1.79 -5.53 -27.77
CA VAL B 199 -1.86 -6.77 -28.53
C VAL B 199 -1.31 -6.52 -29.94
N LYS B 200 -1.65 -5.36 -30.54
CA LYS B 200 -1.16 -4.98 -31.87
C LYS B 200 0.35 -4.78 -31.85
N LYS B 201 0.88 -4.20 -30.75
CA LYS B 201 2.33 -4.00 -30.56
C LYS B 201 3.06 -5.36 -30.46
N LEU B 202 2.46 -6.35 -29.75
CA LEU B 202 3.01 -7.69 -29.59
C LEU B 202 3.07 -8.40 -30.94
N LYS B 203 2.01 -8.25 -31.76
CA LYS B 203 1.92 -8.83 -33.10
C LYS B 203 3.02 -8.23 -33.99
N GLY B 204 3.14 -6.90 -33.94
CA GLY B 204 4.10 -6.11 -34.69
C GLY B 204 5.55 -6.41 -34.37
N ASN B 205 5.82 -6.84 -33.14
CA ASN B 205 7.17 -7.22 -32.70
C ASN B 205 7.41 -8.73 -32.87
N ASP B 206 6.48 -9.40 -33.58
CA ASP B 206 6.46 -10.84 -33.90
C ASP B 206 6.58 -11.77 -32.68
N VAL B 207 5.92 -11.40 -31.56
CA VAL B 207 5.89 -12.20 -30.34
C VAL B 207 5.03 -13.46 -30.62
N ARG B 208 5.51 -14.64 -30.18
CA ARG B 208 4.79 -15.92 -30.37
C ARG B 208 4.29 -16.53 -29.06
N ILE B 209 5.11 -16.43 -27.98
CA ILE B 209 4.78 -16.95 -26.66
C ILE B 209 4.47 -15.77 -25.78
N ILE B 210 3.19 -15.66 -25.33
CA ILE B 210 2.71 -14.54 -24.52
C ILE B 210 2.41 -14.95 -23.09
N LEU B 211 2.99 -14.24 -22.12
CA LEU B 211 2.71 -14.46 -20.70
C LEU B 211 1.76 -13.33 -20.26
N GLY B 212 0.49 -13.69 -20.11
CA GLY B 212 -0.58 -12.78 -19.74
C GLY B 212 -0.92 -12.74 -18.26
N GLN B 213 -1.15 -11.52 -17.75
CA GLN B 213 -1.53 -11.28 -16.37
C GLN B 213 -2.57 -10.18 -16.36
N PHE B 214 -3.84 -10.61 -16.33
CA PHE B 214 -5.03 -9.75 -16.37
C PHE B 214 -6.23 -10.49 -15.80
N ASP B 215 -7.27 -9.73 -15.40
CA ASP B 215 -8.48 -10.31 -14.83
C ASP B 215 -9.37 -11.00 -15.86
N GLN B 216 -10.37 -11.74 -15.37
CA GLN B 216 -11.37 -12.49 -16.12
C GLN B 216 -12.07 -11.60 -17.18
N ASN B 217 -12.47 -10.36 -16.80
CA ASN B 217 -13.15 -9.41 -17.66
C ASN B 217 -12.25 -8.96 -18.82
N MET B 218 -10.98 -8.64 -18.50
CA MET B 218 -9.99 -8.22 -19.50
C MET B 218 -9.55 -9.36 -20.43
N ALA B 219 -9.61 -10.62 -19.96
CA ALA B 219 -9.23 -11.80 -20.74
C ALA B 219 -10.08 -11.97 -21.99
N ALA B 220 -11.39 -11.71 -21.90
CA ALA B 220 -12.32 -11.79 -23.04
C ALA B 220 -11.96 -10.69 -24.06
N LYS B 221 -11.52 -9.50 -23.58
CA LYS B 221 -11.09 -8.39 -24.43
C LYS B 221 -9.77 -8.76 -25.13
N VAL B 222 -8.80 -9.32 -24.38
CA VAL B 222 -7.49 -9.78 -24.85
C VAL B 222 -7.66 -10.79 -26.00
N PHE B 223 -8.51 -11.81 -25.80
CA PHE B 223 -8.75 -12.85 -26.80
C PHE B 223 -9.48 -12.36 -28.04
N CYS B 224 -10.32 -11.32 -27.89
CA CYS B 224 -11.01 -10.73 -29.03
C CYS B 224 -9.99 -9.99 -29.90
N CYS B 225 -9.05 -9.24 -29.27
CA CYS B 225 -7.95 -8.53 -29.94
C CYS B 225 -7.03 -9.53 -30.64
N ALA B 226 -6.77 -10.69 -29.99
CA ALA B 226 -5.95 -11.79 -30.50
C ALA B 226 -6.57 -12.36 -31.78
N TYR B 227 -7.92 -12.49 -31.84
CA TYR B 227 -8.63 -12.98 -33.02
C TYR B 227 -8.48 -11.99 -34.17
N GLU B 228 -8.75 -10.70 -33.89
CA GLU B 228 -8.65 -9.58 -34.84
C GLU B 228 -7.23 -9.39 -35.40
N GLU B 229 -6.19 -9.64 -34.57
CA GLU B 229 -4.79 -9.51 -34.98
C GLU B 229 -4.20 -10.85 -35.45
N ASN B 230 -5.02 -11.93 -35.49
CA ASN B 230 -4.62 -13.29 -35.87
C ASN B 230 -3.46 -13.85 -35.01
N MET B 231 -3.49 -13.52 -33.69
CA MET B 231 -2.50 -13.97 -32.71
C MET B 231 -2.98 -15.24 -31.99
N TYR B 232 -3.36 -16.24 -32.78
CA TYR B 232 -3.85 -17.53 -32.31
C TYR B 232 -3.50 -18.63 -33.30
N GLY B 233 -3.69 -19.88 -32.90
CA GLY B 233 -3.39 -21.03 -33.74
C GLY B 233 -2.02 -21.61 -33.52
N SER B 234 -1.58 -22.46 -34.48
CA SER B 234 -0.32 -23.22 -34.48
C SER B 234 0.96 -22.47 -34.17
N LYS B 235 1.01 -21.16 -34.46
CA LYS B 235 2.19 -20.33 -34.26
C LYS B 235 2.26 -19.61 -32.90
N TYR B 236 1.14 -19.61 -32.14
CA TYR B 236 1.03 -18.89 -30.86
C TYR B 236 0.70 -19.73 -29.65
N GLN B 237 1.26 -19.32 -28.49
CA GLN B 237 0.98 -19.90 -27.18
C GLN B 237 0.73 -18.81 -26.13
N TRP B 238 -0.50 -18.78 -25.61
CA TRP B 238 -0.89 -17.84 -24.57
C TRP B 238 -0.84 -18.59 -23.26
N ILE B 239 -0.08 -18.04 -22.30
CA ILE B 239 0.05 -18.58 -20.95
C ILE B 239 -0.52 -17.50 -20.05
N ILE B 240 -1.75 -17.71 -19.55
CA ILE B 240 -2.54 -16.74 -18.77
C ILE B 240 -2.98 -17.27 -17.38
N PRO B 241 -3.68 -16.48 -16.50
CA PRO B 241 -4.12 -17.02 -15.20
C PRO B 241 -5.07 -18.22 -15.33
N GLY B 242 -4.99 -19.15 -14.38
CA GLY B 242 -5.83 -20.33 -14.37
C GLY B 242 -6.92 -20.33 -13.31
N TRP B 243 -7.11 -19.18 -12.64
CA TRP B 243 -8.06 -19.01 -11.54
C TRP B 243 -9.41 -18.44 -11.91
N TYR B 244 -9.69 -18.26 -13.21
CA TYR B 244 -10.97 -17.73 -13.68
C TYR B 244 -12.10 -18.71 -13.42
N GLU B 245 -13.33 -18.19 -13.20
CA GLU B 245 -14.54 -19.00 -12.95
C GLU B 245 -14.89 -19.86 -14.19
N PRO B 246 -15.51 -21.06 -14.03
CA PRO B 246 -15.86 -21.86 -15.23
C PRO B 246 -16.87 -21.13 -16.13
N SER B 247 -16.74 -21.29 -17.47
CA SER B 247 -17.57 -20.64 -18.50
C SER B 247 -17.49 -19.10 -18.45
N TRP B 248 -16.36 -18.56 -17.95
CA TRP B 248 -16.07 -17.13 -17.78
C TRP B 248 -16.27 -16.28 -19.04
N TRP B 249 -16.04 -16.90 -20.21
CA TRP B 249 -16.14 -16.29 -21.53
C TRP B 249 -17.60 -16.07 -21.99
N GLU B 250 -18.51 -16.98 -21.59
CA GLU B 250 -19.93 -16.96 -21.92
C GLU B 250 -20.68 -15.80 -21.24
N GLN B 251 -20.32 -15.50 -19.98
CA GLN B 251 -20.91 -14.47 -19.12
C GLN B 251 -20.99 -13.08 -19.76
N SER B 259 -16.90 -6.58 -27.32
CA SER B 259 -18.24 -6.37 -27.86
C SER B 259 -18.33 -6.66 -29.36
N ARG B 260 -17.23 -6.43 -30.10
CA ARG B 260 -17.18 -6.62 -31.55
C ARG B 260 -17.10 -8.11 -31.99
N CYS B 261 -16.43 -8.95 -31.17
CA CYS B 261 -16.24 -10.36 -31.47
C CYS B 261 -17.47 -11.23 -31.22
N LEU B 262 -17.57 -12.33 -31.98
CA LEU B 262 -18.61 -13.35 -31.82
C LEU B 262 -18.03 -14.42 -30.92
N ARG B 263 -18.90 -15.13 -30.15
CA ARG B 263 -18.50 -16.19 -29.23
C ARG B 263 -17.63 -17.26 -29.93
N LYS B 264 -17.96 -17.63 -31.18
CA LYS B 264 -17.20 -18.63 -31.95
C LYS B 264 -15.77 -18.14 -32.29
N ASN B 265 -15.61 -16.81 -32.49
CA ASN B 265 -14.34 -16.16 -32.80
C ASN B 265 -13.47 -16.00 -31.56
N LEU B 266 -14.11 -15.82 -30.39
CA LEU B 266 -13.44 -15.71 -29.10
C LEU B 266 -12.86 -17.09 -28.74
N LEU B 267 -13.67 -18.18 -28.91
CA LEU B 267 -13.29 -19.56 -28.64
C LEU B 267 -12.17 -20.06 -29.56
N ALA B 268 -12.13 -19.56 -30.81
CA ALA B 268 -11.12 -19.89 -31.81
C ALA B 268 -9.76 -19.34 -31.40
N ALA B 269 -9.75 -18.12 -30.84
CA ALA B 269 -8.54 -17.43 -30.35
C ALA B 269 -8.11 -18.01 -28.97
N MET B 270 -9.09 -18.44 -28.14
CA MET B 270 -8.89 -19.03 -26.80
C MET B 270 -8.31 -20.44 -26.91
N GLU B 271 -8.56 -21.12 -28.03
CA GLU B 271 -8.13 -22.50 -28.24
C GLU B 271 -6.64 -22.74 -27.99
N GLY B 272 -6.37 -23.62 -27.01
CA GLY B 272 -5.01 -24.00 -26.64
C GLY B 272 -4.31 -23.19 -25.57
N TYR B 273 -4.96 -22.13 -25.00
CA TYR B 273 -4.33 -21.32 -23.96
C TYR B 273 -3.94 -22.13 -22.75
N ILE B 274 -2.81 -21.77 -22.12
CA ILE B 274 -2.35 -22.46 -20.92
C ILE B 274 -2.69 -21.62 -19.70
N GLY B 275 -3.40 -22.24 -18.76
CA GLY B 275 -3.80 -21.61 -17.51
C GLY B 275 -2.89 -22.06 -16.39
N VAL B 276 -2.48 -21.12 -15.54
CA VAL B 276 -1.59 -21.44 -14.43
C VAL B 276 -2.23 -20.95 -13.11
N ASP B 277 -2.32 -21.84 -12.11
CA ASP B 277 -2.86 -21.54 -10.78
C ASP B 277 -2.37 -22.62 -9.80
N PHE B 278 -2.50 -22.40 -8.47
CA PHE B 278 -2.10 -23.40 -7.49
C PHE B 278 -3.00 -24.63 -7.59
N GLU B 279 -2.46 -25.78 -7.18
CA GLU B 279 -3.20 -27.04 -7.17
C GLU B 279 -4.08 -27.11 -5.89
N PRO B 280 -5.44 -27.14 -6.01
CA PRO B 280 -6.29 -27.22 -4.80
C PRO B 280 -6.04 -28.44 -3.90
N LEU B 281 -5.83 -29.64 -4.51
CA LEU B 281 -5.53 -30.88 -3.77
C LEU B 281 -4.53 -31.74 -4.52
N SER B 282 -3.80 -32.58 -3.78
CA SER B 282 -2.80 -33.49 -4.33
C SER B 282 -3.44 -34.59 -5.17
N SER B 283 -2.88 -34.86 -6.36
CA SER B 283 -3.39 -35.90 -7.25
C SER B 283 -2.82 -37.28 -6.89
N LYS B 284 -1.79 -37.32 -6.00
CA LYS B 284 -1.13 -38.54 -5.51
C LYS B 284 -2.07 -39.31 -4.57
N GLN B 285 -2.41 -40.57 -4.92
CA GLN B 285 -3.27 -41.44 -4.12
C GLN B 285 -2.43 -42.11 -3.00
N ILE B 286 -1.81 -41.28 -2.15
CA ILE B 286 -0.94 -41.70 -1.03
C ILE B 286 -1.52 -41.18 0.28
N LYS B 287 -1.44 -41.98 1.36
CA LYS B 287 -1.93 -41.65 2.71
C LYS B 287 -1.22 -40.40 3.25
N THR B 288 -1.99 -39.39 3.70
CA THR B 288 -1.47 -38.13 4.25
C THR B 288 -1.30 -38.28 5.78
N ILE B 289 -0.83 -37.21 6.48
CA ILE B 289 -0.64 -37.20 7.94
C ILE B 289 -1.87 -37.72 8.75
N SER B 290 -3.07 -37.48 8.24
CA SER B 290 -4.32 -37.90 8.88
C SER B 290 -4.64 -39.39 8.63
N GLY B 291 -3.86 -40.05 7.78
CA GLY B 291 -4.07 -41.45 7.44
C GLY B 291 -5.02 -41.63 6.26
N LYS B 292 -5.58 -40.52 5.78
CA LYS B 292 -6.49 -40.48 4.64
C LYS B 292 -5.77 -40.00 3.38
N THR B 293 -6.18 -40.51 2.21
CA THR B 293 -5.60 -40.08 0.94
C THR B 293 -6.28 -38.73 0.57
N PRO B 294 -5.69 -37.87 -0.30
CA PRO B 294 -6.37 -36.61 -0.64
C PRO B 294 -7.80 -36.80 -1.17
N GLN B 295 -8.03 -37.89 -1.90
CA GLN B 295 -9.30 -38.30 -2.51
C GLN B 295 -10.29 -38.70 -1.43
N GLN B 296 -9.83 -39.44 -0.39
CA GLN B 296 -10.66 -39.86 0.75
C GLN B 296 -11.09 -38.62 1.55
N TYR B 297 -10.14 -37.67 1.75
CA TYR B 297 -10.41 -36.41 2.45
C TYR B 297 -11.46 -35.58 1.68
N GLU B 298 -11.28 -35.46 0.35
CA GLU B 298 -12.20 -34.72 -0.52
C GLU B 298 -13.63 -35.23 -0.37
N ARG B 299 -13.84 -36.58 -0.28
CA ARG B 299 -15.17 -37.18 -0.10
C ARG B 299 -15.73 -36.79 1.26
N GLU B 300 -14.89 -36.87 2.32
CA GLU B 300 -15.24 -36.52 3.70
C GLU B 300 -15.63 -35.06 3.82
N TYR B 301 -14.94 -34.17 3.05
CA TYR B 301 -15.22 -32.74 3.04
C TYR B 301 -16.57 -32.48 2.37
N ASN B 302 -16.78 -33.06 1.17
CA ASN B 302 -18.02 -32.91 0.39
C ASN B 302 -19.27 -33.41 1.15
N ASN B 303 -19.10 -34.42 2.04
CA ASN B 303 -20.16 -34.96 2.90
C ASN B 303 -20.47 -33.93 3.98
N LYS B 304 -19.42 -33.51 4.73
CA LYS B 304 -19.50 -32.54 5.84
C LYS B 304 -20.00 -31.14 5.44
N ARG B 305 -19.62 -30.64 4.25
CA ARG B 305 -20.03 -29.30 3.83
C ARG B 305 -21.52 -29.07 3.72
N SER B 306 -22.30 -30.12 3.37
CA SER B 306 -23.75 -30.07 3.21
C SER B 306 -24.17 -29.04 2.16
N GLY B 307 -25.03 -28.10 2.55
CA GLY B 307 -25.54 -27.06 1.66
C GLY B 307 -24.51 -26.00 1.32
N VAL B 308 -23.47 -25.86 2.15
CA VAL B 308 -22.39 -24.90 1.97
C VAL B 308 -21.59 -25.15 0.70
N GLY B 309 -21.42 -24.07 -0.08
CA GLY B 309 -20.66 -24.07 -1.31
C GLY B 309 -19.19 -24.36 -1.06
N PRO B 310 -18.58 -25.23 -1.87
CA PRO B 310 -17.15 -25.54 -1.66
C PRO B 310 -16.22 -24.37 -1.99
N SER B 311 -15.01 -24.42 -1.44
CA SER B 311 -14.00 -23.38 -1.63
C SER B 311 -12.70 -24.06 -1.99
N LYS B 312 -11.98 -23.56 -3.04
CA LYS B 312 -10.71 -24.14 -3.49
C LYS B 312 -9.60 -24.16 -2.43
N PHE B 313 -9.77 -23.32 -1.37
CA PHE B 313 -8.86 -23.18 -0.24
C PHE B 313 -9.11 -24.17 0.90
N HIS B 314 -10.12 -25.05 0.76
CA HIS B 314 -10.46 -26.03 1.80
C HIS B 314 -9.31 -26.98 2.22
N GLY B 315 -8.50 -27.42 1.25
CA GLY B 315 -7.36 -28.28 1.52
C GLY B 315 -6.27 -27.55 2.27
N TYR B 316 -6.10 -26.25 1.95
CA TYR B 316 -5.11 -25.35 2.57
C TYR B 316 -5.50 -25.02 4.00
N ALA B 317 -6.82 -24.97 4.28
CA ALA B 317 -7.36 -24.72 5.61
C ALA B 317 -7.22 -25.98 6.45
N TYR B 318 -7.49 -27.16 5.84
CA TYR B 318 -7.37 -28.49 6.46
C TYR B 318 -5.92 -28.74 6.89
N ASP B 319 -4.96 -28.56 5.97
CA ASP B 319 -3.53 -28.72 6.22
C ASP B 319 -3.05 -27.67 7.22
N GLY B 320 -3.65 -26.47 7.16
CA GLY B 320 -3.36 -25.37 8.07
C GLY B 320 -3.54 -25.78 9.52
N ILE B 321 -4.69 -26.44 9.82
CA ILE B 321 -4.99 -26.95 11.17
C ILE B 321 -3.92 -27.97 11.61
N TRP B 322 -3.52 -28.88 10.69
CA TRP B 322 -2.47 -29.87 10.95
C TRP B 322 -1.12 -29.21 11.19
N VAL B 323 -0.81 -28.06 10.52
CA VAL B 323 0.43 -27.30 10.73
C VAL B 323 0.44 -26.79 12.16
N ILE B 324 -0.67 -26.16 12.61
CA ILE B 324 -0.87 -25.62 13.96
C ILE B 324 -0.68 -26.70 15.06
N ALA B 325 -1.35 -27.85 14.92
CA ALA B 325 -1.28 -28.98 15.84
C ALA B 325 0.17 -29.49 15.98
N LYS B 326 0.83 -29.74 14.84
CA LYS B 326 2.22 -30.20 14.80
C LYS B 326 3.18 -29.15 15.39
N THR B 327 2.89 -27.84 15.18
CA THR B 327 3.68 -26.72 15.69
C THR B 327 3.56 -26.66 17.21
N LEU B 328 2.34 -26.78 17.73
CA LEU B 328 2.05 -26.79 19.17
C LEU B 328 2.67 -28.01 19.85
N GLN B 329 2.74 -29.16 19.15
CA GLN B 329 3.37 -30.40 19.60
C GLN B 329 4.88 -30.17 19.81
N ARG B 330 5.59 -29.62 18.78
CA ARG B 330 7.02 -29.28 18.80
C ARG B 330 7.29 -28.25 19.90
N ALA B 331 6.40 -27.25 20.05
CA ALA B 331 6.51 -26.20 21.07
C ALA B 331 6.39 -26.78 22.48
N MET B 332 5.47 -27.77 22.67
CA MET B 332 5.26 -28.49 23.93
C MET B 332 6.52 -29.29 24.30
N GLU B 333 7.16 -29.91 23.30
CA GLU B 333 8.40 -30.69 23.45
C GLU B 333 9.55 -29.80 23.91
N THR B 334 9.71 -28.61 23.27
CA THR B 334 10.76 -27.61 23.54
C THR B 334 10.67 -27.10 24.99
N LEU B 335 9.44 -26.88 25.49
CA LEU B 335 9.22 -26.40 26.86
C LEU B 335 9.50 -27.53 27.86
N HIS B 336 9.16 -28.78 27.48
CA HIS B 336 9.40 -29.97 28.30
C HIS B 336 10.89 -30.31 28.34
N ALA B 337 11.64 -29.98 27.25
CA ALA B 337 13.08 -30.19 27.11
C ALA B 337 13.89 -29.34 28.12
N SER B 338 13.23 -28.32 28.72
CA SER B 338 13.80 -27.44 29.72
C SER B 338 13.15 -27.75 31.08
N PHE B 347 0.76 -18.45 28.53
CA PHE B 347 1.07 -17.48 27.49
C PHE B 347 0.25 -16.21 27.56
N ASN B 348 0.87 -15.15 28.07
CA ASN B 348 0.26 -13.84 27.96
C ASN B 348 0.93 -13.37 26.68
N TYR B 349 0.42 -12.35 26.01
CA TYR B 349 1.03 -11.86 24.78
C TYR B 349 2.40 -11.24 25.06
N THR B 350 2.77 -11.24 26.33
CA THR B 350 3.97 -10.73 26.94
C THR B 350 5.21 -11.58 26.60
N ASP B 351 5.03 -12.88 26.49
CA ASP B 351 6.11 -13.80 26.27
C ASP B 351 6.74 -13.72 24.90
N HIS B 352 7.89 -13.02 24.79
CA HIS B 352 8.62 -12.96 23.52
C HIS B 352 9.13 -14.37 23.19
N THR B 353 9.62 -15.08 24.22
CA THR B 353 10.23 -16.41 24.16
C THR B 353 9.32 -17.49 23.57
N LEU B 354 8.08 -17.65 24.08
CA LEU B 354 7.15 -18.65 23.56
C LEU B 354 6.75 -18.36 22.11
N GLY B 355 6.63 -17.07 21.78
CA GLY B 355 6.35 -16.61 20.42
C GLY B 355 7.46 -17.04 19.47
N ARG B 356 8.72 -16.97 19.94
CA ARG B 356 9.91 -17.37 19.20
C ARG B 356 10.00 -18.90 19.05
N ILE B 357 9.55 -19.65 20.10
CA ILE B 357 9.49 -21.12 20.14
C ILE B 357 8.48 -21.60 19.08
N ILE B 358 7.26 -21.01 19.08
CA ILE B 358 6.19 -21.31 18.11
C ILE B 358 6.67 -20.95 16.68
N LEU B 359 7.34 -19.79 16.52
CA LEU B 359 7.89 -19.33 15.25
C LEU B 359 8.95 -20.31 14.72
N ASN B 360 9.87 -20.80 15.60
CA ASN B 360 10.91 -21.76 15.20
C ASN B 360 10.32 -23.13 14.90
N ALA B 361 9.28 -23.53 15.65
CA ALA B 361 8.57 -24.80 15.47
C ALA B 361 7.84 -24.87 14.12
N MET B 362 7.21 -23.74 13.70
CA MET B 362 6.48 -23.65 12.44
C MET B 362 7.41 -23.71 11.23
N ASN B 363 8.64 -23.20 11.36
CA ASN B 363 9.65 -23.21 10.30
C ASN B 363 10.14 -24.65 10.01
N GLU B 364 10.00 -25.56 11.00
CA GLU B 364 10.39 -26.98 10.93
C GLU B 364 9.33 -27.82 10.19
N THR B 365 8.14 -27.25 9.89
CA THR B 365 7.01 -27.97 9.25
C THR B 365 7.44 -28.72 7.99
N ASN B 366 7.22 -30.05 8.00
CA ASN B 366 7.54 -30.94 6.89
C ASN B 366 6.74 -32.25 7.00
N PHE B 367 5.58 -32.28 6.35
CA PHE B 367 4.67 -33.44 6.33
C PHE B 367 3.91 -33.49 5.02
N PHE B 368 3.36 -34.66 4.69
CA PHE B 368 2.59 -34.80 3.44
C PHE B 368 1.14 -34.60 3.81
N GLY B 369 0.58 -33.49 3.33
CA GLY B 369 -0.81 -33.10 3.55
C GLY B 369 -1.65 -33.35 2.32
N VAL B 370 -2.93 -32.95 2.39
CA VAL B 370 -3.90 -33.10 1.31
C VAL B 370 -3.54 -32.23 0.08
N THR B 371 -2.76 -31.13 0.29
CA THR B 371 -2.35 -30.21 -0.78
C THR B 371 -0.94 -30.57 -1.28
N GLY B 372 -0.43 -31.71 -0.80
CA GLY B 372 0.90 -32.23 -1.10
C GLY B 372 1.80 -32.08 0.09
N GLN B 373 3.12 -32.03 -0.13
CA GLN B 373 4.10 -31.84 0.94
C GLN B 373 3.99 -30.42 1.45
N VAL B 374 3.67 -30.28 2.76
CA VAL B 374 3.53 -29.00 3.45
C VAL B 374 4.89 -28.59 4.05
N VAL B 375 5.59 -27.67 3.37
CA VAL B 375 6.92 -27.16 3.73
C VAL B 375 6.95 -25.65 3.51
N PHE B 376 7.67 -24.90 4.40
CA PHE B 376 7.81 -23.44 4.26
C PHE B 376 9.24 -23.03 3.94
N ARG B 377 9.38 -22.06 3.04
CA ARG B 377 10.65 -21.43 2.68
C ARG B 377 10.50 -19.93 2.96
N ASN B 378 10.89 -19.52 4.17
CA ASN B 378 10.80 -18.15 4.68
C ASN B 378 9.35 -17.70 4.77
N GLY B 379 8.54 -18.53 5.42
CA GLY B 379 7.10 -18.30 5.63
C GLY B 379 6.23 -18.58 4.42
N GLU B 380 6.86 -18.81 3.26
CA GLU B 380 6.18 -19.05 1.98
C GLU B 380 6.01 -20.52 1.72
N ARG B 381 4.84 -20.91 1.18
CA ARG B 381 4.58 -22.31 0.86
C ARG B 381 5.33 -22.76 -0.39
N MET B 382 6.01 -23.91 -0.28
CA MET B 382 6.63 -24.60 -1.39
C MET B 382 5.53 -25.65 -1.71
N GLY B 383 4.73 -25.36 -2.71
CA GLY B 383 3.59 -26.19 -3.06
C GLY B 383 3.53 -26.68 -4.49
N THR B 384 2.30 -26.94 -4.97
CA THR B 384 2.05 -27.47 -6.30
C THR B 384 1.27 -26.49 -7.16
N ILE B 385 1.77 -26.26 -8.39
CA ILE B 385 1.17 -25.37 -9.38
C ILE B 385 0.55 -26.21 -10.50
N LYS B 386 -0.74 -26.00 -10.75
CA LYS B 386 -1.54 -26.68 -11.77
C LYS B 386 -1.51 -25.96 -13.12
N PHE B 387 -1.27 -26.74 -14.17
CA PHE B 387 -1.29 -26.28 -15.56
C PHE B 387 -2.52 -26.86 -16.22
N THR B 388 -3.28 -25.99 -16.89
CA THR B 388 -4.49 -26.36 -17.61
C THR B 388 -4.38 -25.86 -19.05
N GLN B 389 -5.16 -26.46 -19.95
CA GLN B 389 -5.24 -26.03 -21.33
C GLN B 389 -6.69 -25.97 -21.76
N PHE B 390 -7.06 -24.87 -22.43
CA PHE B 390 -8.42 -24.73 -22.93
C PHE B 390 -8.55 -25.60 -24.16
N GLN B 391 -9.43 -26.60 -24.06
CA GLN B 391 -9.69 -27.54 -25.15
C GLN B 391 -11.17 -27.58 -25.49
N ASP B 392 -11.51 -26.93 -26.62
CA ASP B 392 -12.85 -26.80 -27.21
C ASP B 392 -13.91 -26.11 -26.36
N SER B 393 -14.24 -26.66 -25.18
CA SER B 393 -15.29 -26.11 -24.33
C SER B 393 -14.87 -25.76 -22.92
N ARG B 394 -13.75 -26.33 -22.41
CA ARG B 394 -13.29 -26.07 -21.03
C ARG B 394 -11.78 -26.27 -20.82
N GLU B 395 -11.28 -25.82 -19.65
CA GLU B 395 -9.89 -25.99 -19.24
C GLU B 395 -9.72 -27.43 -18.76
N VAL B 396 -8.69 -28.11 -19.26
CA VAL B 396 -8.35 -29.50 -18.95
C VAL B 396 -6.95 -29.52 -18.31
N LYS B 397 -6.78 -30.27 -17.19
CA LYS B 397 -5.48 -30.37 -16.54
C LYS B 397 -4.46 -31.02 -17.49
N VAL B 398 -3.31 -30.36 -17.71
CA VAL B 398 -2.24 -30.82 -18.62
C VAL B 398 -0.91 -31.12 -17.93
N GLY B 399 -0.76 -30.68 -16.69
CA GLY B 399 0.47 -30.89 -15.93
C GLY B 399 0.49 -30.23 -14.58
N GLU B 400 1.55 -30.52 -13.82
CA GLU B 400 1.77 -29.96 -12.49
C GLU B 400 3.23 -29.69 -12.24
N TYR B 401 3.51 -28.63 -11.44
CA TYR B 401 4.86 -28.23 -11.06
C TYR B 401 5.02 -28.39 -9.57
N ASN B 402 6.06 -29.12 -9.16
CA ASN B 402 6.40 -29.34 -7.75
C ASN B 402 7.45 -28.30 -7.38
N ALA B 403 7.08 -27.34 -6.51
CA ALA B 403 7.98 -26.27 -6.10
C ALA B 403 9.17 -26.74 -5.26
N VAL B 404 8.96 -27.77 -4.43
CA VAL B 404 9.99 -28.35 -3.55
C VAL B 404 11.16 -28.90 -4.38
N ALA B 405 10.82 -29.77 -5.35
CA ALA B 405 11.76 -30.44 -6.24
C ALA B 405 12.17 -29.58 -7.44
N ASP B 406 11.42 -28.48 -7.72
CA ASP B 406 11.59 -27.61 -8.89
C ASP B 406 11.50 -28.48 -10.17
N THR B 407 10.46 -29.36 -10.22
CA THR B 407 10.23 -30.29 -11.34
C THR B 407 8.85 -30.13 -11.97
N LEU B 408 8.77 -30.36 -13.28
CA LEU B 408 7.52 -30.27 -14.01
C LEU B 408 7.16 -31.64 -14.59
N GLU B 409 5.88 -32.02 -14.47
CA GLU B 409 5.38 -33.26 -15.02
C GLU B 409 4.22 -32.92 -15.92
N ILE B 410 4.42 -33.07 -17.23
CA ILE B 410 3.42 -32.86 -18.28
C ILE B 410 2.64 -34.13 -18.41
N ILE B 411 1.33 -34.02 -18.45
CA ILE B 411 0.49 -35.20 -18.62
C ILE B 411 0.51 -35.65 -20.06
N ASN B 412 0.96 -36.89 -20.29
CA ASN B 412 1.04 -37.51 -21.61
C ASN B 412 -0.33 -37.61 -22.23
N ASP B 413 -0.45 -37.18 -23.49
CA ASP B 413 -1.69 -37.27 -24.24
C ASP B 413 -2.82 -36.40 -23.70
N THR B 414 -2.51 -35.18 -23.31
CA THR B 414 -3.53 -34.24 -22.85
C THR B 414 -3.28 -33.00 -23.66
N ILE B 415 -2.14 -32.37 -23.38
CA ILE B 415 -1.65 -31.17 -24.00
C ILE B 415 -1.52 -31.36 -25.50
N ARG B 416 -2.09 -30.43 -26.26
CA ARG B 416 -2.11 -30.50 -27.71
C ARG B 416 -1.76 -29.19 -28.35
N PHE B 417 -1.29 -29.27 -29.61
CA PHE B 417 -0.93 -28.14 -30.44
C PHE B 417 -1.56 -28.27 -31.83
N GLN B 418 -1.97 -27.13 -32.43
CA GLN B 418 -2.62 -27.07 -33.74
C GLN B 418 -1.72 -27.50 -34.90
N GLY B 419 -0.40 -27.38 -34.72
CA GLY B 419 0.59 -27.80 -35.69
C GLY B 419 1.20 -29.15 -35.37
N SER B 420 2.13 -29.60 -36.22
CA SER B 420 2.87 -30.87 -36.10
C SER B 420 3.80 -30.89 -34.89
N GLU B 421 4.28 -29.70 -34.48
CA GLU B 421 5.20 -29.48 -33.37
C GLU B 421 4.64 -28.35 -32.48
N PRO B 422 5.09 -28.17 -31.20
CA PRO B 422 4.63 -27.00 -30.43
C PRO B 422 5.16 -25.72 -31.09
N PRO B 423 4.53 -24.52 -30.93
CA PRO B 423 5.03 -23.32 -31.63
C PRO B 423 6.48 -22.95 -31.34
N LYS B 424 7.12 -22.28 -32.31
CA LYS B 424 8.50 -21.77 -32.20
C LYS B 424 8.41 -20.36 -31.63
N ASP B 425 9.40 -19.95 -30.82
CA ASP B 425 9.39 -18.63 -30.17
C ASP B 425 9.59 -17.40 -31.08
N ASP B 426 10.02 -17.60 -32.34
CA ASP B 426 10.27 -16.50 -33.29
C ASP B 426 9.81 -16.84 -34.71
C1 NAG C . 0.18 40.18 23.83
C2 NAG C . -0.40 40.63 25.19
C3 NAG C . -0.02 42.03 25.59
C4 NAG C . 1.46 42.31 25.43
C5 NAG C . 2.15 41.64 24.22
C6 NAG C . 3.29 40.77 24.69
C7 NAG C . -2.77 39.95 25.27
C8 NAG C . -2.37 39.06 26.42
N2 NAG C . -1.77 40.69 24.74
O3 NAG C . -0.29 42.13 26.99
O4 NAG C . 1.54 43.71 25.37
O5 NAG C . 1.44 40.68 23.44
O6 NAG C . 4.46 41.48 24.38
O7 NAG C . -3.91 40.03 24.86
C1 NAG C . 2.09 44.15 26.60
C2 NAG C . 2.96 45.37 26.32
C3 NAG C . 3.58 45.83 27.62
C4 NAG C . 2.49 46.17 28.58
C5 NAG C . 1.46 45.01 28.73
C6 NAG C . 0.18 45.57 29.29
C7 NAG C . 3.94 45.42 24.11
C8 NAG C . 5.13 45.04 23.30
N2 NAG C . 4.03 45.06 25.41
O3 NAG C . 4.26 47.07 27.43
O4 NAG C . 3.24 46.41 29.79
O5 NAG C . 1.01 44.48 27.49
O6 NAG C . 0.47 46.70 30.05
O7 NAG C . 2.97 46.01 23.63
C1 MAN C . 3.11 47.64 30.52
C2 MAN C . 2.40 47.30 31.85
C3 MAN C . 1.30 48.30 32.26
C4 MAN C . 1.89 49.72 32.07
C5 MAN C . 2.23 49.88 30.59
C6 MAN C . 3.45 50.68 30.42
O2 MAN C . 3.42 47.36 32.85
O3 MAN C . 1.11 48.00 33.63
O4 MAN C . 0.92 50.70 32.38
O5 MAN C . 2.42 48.66 29.82
O6 MAN C . 3.31 50.73 29.01
C1 BMA C . 0.02 48.62 34.29
C2 BMA C . -0.70 47.52 35.12
C3 BMA C . -0.14 47.35 36.54
C4 BMA C . 0.76 48.45 37.09
C5 BMA C . 0.46 49.81 36.44
C6 BMA C . 1.51 50.82 36.98
O2 BMA C . -0.53 46.25 34.42
O3 BMA C . 0.68 46.16 36.58
O4 BMA C . 0.55 48.52 38.51
O5 BMA C . 0.55 49.77 34.99
O6 BMA C . 1.38 50.96 38.43
C1 NAG D . 14.37 -22.58 9.54
C2 NAG D . 15.76 -22.47 10.30
C3 NAG D . 16.80 -22.43 9.16
C4 NAG D . 16.68 -23.77 8.46
C5 NAG D . 15.27 -23.80 7.89
C6 NAG D . 15.05 -25.05 7.13
C7 NAG D . 15.30 -21.17 12.29
C8 NAG D . 14.45 -22.32 12.82
N2 NAG D . 15.89 -21.29 11.10
O3 NAG D . 18.12 -22.29 9.69
O4 NAG D . 17.64 -23.85 7.44
O5 NAG D . 14.34 -23.83 8.98
O6 NAG D . 14.36 -25.82 8.08
O7 NAG D . 15.44 -20.15 12.92
C1 NAG D . 18.39 -25.10 7.48
C2 NAG D . 19.27 -25.07 6.23
C3 NAG D . 20.23 -26.25 6.18
C4 NAG D . 20.95 -26.50 7.50
C5 NAG D . 19.99 -26.39 8.70
C6 NAG D . 20.82 -26.30 9.97
C7 NAG D . 18.17 -24.08 4.31
C8 NAG D . 17.26 -24.42 3.18
N2 NAG D . 18.42 -25.17 5.07
O3 NAG D . 21.23 -25.95 5.20
O4 NAG D . 21.48 -27.84 7.41
O5 NAG D . 19.22 -25.16 8.65
O6 NAG D . 20.37 -27.31 10.89
O7 NAG D . 18.63 -22.95 4.53
CL 2BY E . 10.04 13.99 1.96
C3 2BY E . 8.69 14.21 3.12
C2 2BY E . 8.92 13.89 4.46
C4 2BY E . 7.45 14.67 2.70
C5 2BY E . 6.41 14.82 3.65
C6 2BY E . 6.65 14.51 4.98
C1 2BY E . 7.91 14.06 5.40
C7 2BY E . 5.58 14.65 5.98
C8 2BY E . 5.94 15.78 6.97
N 2BY E . 6.28 16.99 6.25
C9 2BY E . 5.45 13.35 6.77
P 2BY E . 4.77 12.03 5.75
O1 2BY E . 3.96 11.16 6.64
O3 2BY E . 3.83 12.61 4.58
O2 2BY E . 5.95 11.13 5.12
C1 NAG F . -14.83 29.93 23.66
C2 NAG F . -14.69 30.98 22.66
C3 NAG F . -15.45 32.21 23.15
C4 NAG F . -16.94 31.93 23.33
C5 NAG F . -17.17 30.76 24.31
C6 NAG F . -18.23 29.79 23.80
C7 NAG F . -12.62 31.98 21.98
C8 NAG F . -11.20 32.27 22.26
N2 NAG F . -13.27 31.27 22.90
O3 NAG F . -15.33 33.23 22.14
O4 NAG F . -17.53 33.13 23.84
O5 NAG F . -16.02 29.91 24.54
O6 NAG F . -18.11 29.56 22.38
O7 NAG F . -13.19 32.39 20.97
#